data_7T46
#
_entry.id   7T46
#
_cell.length_a   55.558
_cell.length_b   98.342
_cell.length_c   57.961
_cell.angle_alpha   90.00
_cell.angle_beta   107.50
_cell.angle_gamma   90.00
#
_symmetry.space_group_name_H-M   'P 1 21 1'
#
loop_
_entity.id
_entity.type
_entity.pdbx_description
1 polymer '3C-like proteinase'
2 non-polymer '(1S,2S)-1-hydroxy-2-{[N-({[7-(2-methylpropanoyl)-7-azaspiro[3.5]nonan-2-yl]oxy}carbonyl)-L-leucyl]amino}-3-[(3S)-2-oxopyrrolidin-3-yl]propane-1-sulfonic acid'
3 non-polymer '(1R,2S)-1-hydroxy-2-{[N-({[7-(2-methylpropanoyl)-7-azaspiro[3.5]nonan-2-yl]oxy}carbonyl)-L-leucyl]amino}-3-[(3S)-2-oxopyrrolidin-3-yl]propane-1-sulfonic acid'
4 water water
#
_entity_poly.entity_id   1
_entity_poly.type   'polypeptide(L)'
_entity_poly.pdbx_seq_one_letter_code
;SNIGSGFRKMAFPSGKVEGCMVQVTCGTTTLNGLWLDDVVYCPRHVICTSEDMLNPNYEDLLIRKSNHNFLVQAGNVQLR
VIGHSMQNCVLKLKVDTANPKTPKYKFVRIQPGQTFSVLACYNGSPSGVYQCAMRPNFTIKGSFLNGSCGSVGFNIDYDC
VSFCYMHHMELPTGVHAGTDLEGNFYGPFVDRQTAQAAGTDTTITVNVLAWLYAAVINGDRWFLNRFTTTLNDFNLVAMK
YNYEPLTQDHVDILGPLSAQTGIAVLDMCASLKELLQNGMNGRTILGSALLEDEFTPFDVVRQCSGVTF
;
_entity_poly.pdbx_strand_id   A,B
#
loop_
_chem_comp.id
_chem_comp.type
_chem_comp.name
_chem_comp.formula
F5L non-polymer '(1R,2S)-1-hydroxy-2-{[N-({[7-(2-methylpropanoyl)-7-azaspiro[3.5]nonan-2-yl]oxy}carbonyl)-L-leucyl]amino}-3-[(3S)-2-oxopyrrolidin-3-yl]propane-1-sulfonic acid' 'C26 H44 N4 O9 S'
F8C non-polymer '(1S,2S)-1-hydroxy-2-{[N-({[7-(2-methylpropanoyl)-7-azaspiro[3.5]nonan-2-yl]oxy}carbonyl)-L-leucyl]amino}-3-[(3S)-2-oxopyrrolidin-3-yl]propane-1-sulfonic acid' 'C26 H44 N4 O9 S'
#
# COMPACT_ATOMS: atom_id res chain seq x y z
N PHE A 7 6.77 -9.85 -4.89
CA PHE A 7 5.31 -9.91 -4.85
C PHE A 7 4.75 -9.24 -3.59
N ARG A 8 4.09 -8.10 -3.76
CA ARG A 8 3.55 -7.31 -2.66
C ARG A 8 2.08 -7.03 -2.91
N LYS A 9 1.39 -6.63 -1.84
CA LYS A 9 0.00 -6.19 -2.01
C LYS A 9 -0.04 -4.92 -2.84
N MET A 10 -1.09 -4.80 -3.64
CA MET A 10 -1.33 -3.61 -4.44
C MET A 10 -2.76 -3.14 -4.22
N ALA A 11 -2.92 -1.85 -3.96
CA ALA A 11 -4.24 -1.27 -3.80
C ALA A 11 -4.70 -0.59 -5.09
N PHE A 12 -6.00 -0.40 -5.23
CA PHE A 12 -6.51 0.35 -6.37
C PHE A 12 -6.18 1.82 -6.20
N PRO A 13 -6.02 2.56 -7.30
CA PRO A 13 -5.87 4.01 -7.19
C PRO A 13 -7.09 4.58 -6.49
N SER A 14 -6.84 5.48 -5.56
CA SER A 14 -7.87 5.93 -4.64
C SER A 14 -8.52 7.25 -5.00
N GLY A 15 -8.15 7.87 -6.12
CA GLY A 15 -8.66 9.21 -6.42
C GLY A 15 -10.17 9.30 -6.49
N LYS A 16 -10.83 8.31 -7.12
CA LYS A 16 -12.28 8.41 -7.25
C LYS A 16 -12.94 8.42 -5.89
N VAL A 17 -12.37 7.74 -4.91
CA VAL A 17 -12.94 7.70 -3.56
C VAL A 17 -12.55 8.94 -2.76
N GLU A 18 -11.32 9.44 -2.93
CA GLU A 18 -10.90 10.66 -2.24
C GLU A 18 -11.88 11.81 -2.46
N GLY A 19 -12.41 11.93 -3.68
CA GLY A 19 -13.34 12.99 -4.00
C GLY A 19 -14.68 12.86 -3.35
N CYS A 20 -14.91 11.79 -2.59
CA CYS A 20 -16.15 11.60 -1.89
C CYS A 20 -16.03 11.74 -0.39
N MET A 21 -14.83 11.93 0.16
CA MET A 21 -14.71 11.93 1.62
C MET A 21 -14.96 13.30 2.22
N VAL A 22 -15.78 13.31 3.26
CA VAL A 22 -16.12 14.51 4.01
C VAL A 22 -15.98 14.21 5.51
N GLN A 23 -16.08 15.28 6.31
CA GLN A 23 -16.02 15.19 7.76
C GLN A 23 -17.44 15.38 8.32
N VAL A 24 -17.83 14.57 9.29
CA VAL A 24 -19.15 14.64 9.92
C VAL A 24 -18.95 14.78 11.42
N THR A 25 -19.57 15.78 12.02
CA THR A 25 -19.51 16.00 13.45
C THR A 25 -20.92 16.08 14.03
N CYS A 26 -21.11 15.38 15.14
CA CYS A 26 -22.32 15.47 15.95
C CYS A 26 -21.87 15.52 17.41
N GLY A 27 -22.30 16.56 18.12
CA GLY A 27 -21.80 16.75 19.48
C GLY A 27 -20.30 16.95 19.46
N THR A 28 -19.57 16.10 20.19
CA THR A 28 -18.12 16.15 20.25
C THR A 28 -17.47 15.02 19.46
N THR A 29 -18.24 14.30 18.65
CA THR A 29 -17.71 13.18 17.89
C THR A 29 -17.56 13.60 16.44
N THR A 30 -16.34 13.46 15.93
CA THR A 30 -16.04 13.69 14.52
C THR A 30 -15.56 12.39 13.90
N LEU A 31 -16.06 12.11 12.70
CA LEU A 31 -15.59 10.97 11.94
C LEU A 31 -15.75 11.30 10.46
N ASN A 32 -15.54 10.31 9.61
CA ASN A 32 -15.59 10.52 8.18
C ASN A 32 -16.93 10.10 7.60
N GLY A 33 -17.32 10.77 6.51
CA GLY A 33 -18.47 10.36 5.74
C GLY A 33 -18.16 10.22 4.26
N LEU A 34 -19.04 9.52 3.57
CA LEU A 34 -18.91 9.24 2.16
C LEU A 34 -20.04 9.96 1.44
N TRP A 35 -19.67 10.96 0.60
CA TRP A 35 -20.63 11.85 -0.06
C TRP A 35 -20.83 11.39 -1.50
N LEU A 36 -21.97 10.80 -1.78
CA LEU A 36 -22.32 10.27 -3.09
C LEU A 36 -23.65 10.90 -3.49
N ASP A 37 -23.70 11.54 -4.64
CA ASP A 37 -24.91 12.27 -5.03
C ASP A 37 -25.25 13.18 -3.85
N ASP A 38 -26.51 13.25 -3.43
CA ASP A 38 -26.89 14.20 -2.40
C ASP A 38 -27.01 13.55 -1.02
N VAL A 39 -26.32 12.44 -0.80
CA VAL A 39 -26.34 11.75 0.48
C VAL A 39 -24.93 11.56 1.03
N VAL A 40 -24.78 11.79 2.31
CA VAL A 40 -23.56 11.50 3.05
C VAL A 40 -23.85 10.29 3.94
N TYR A 41 -23.05 9.24 3.78
CA TYR A 41 -23.18 8.01 4.57
C TYR A 41 -22.07 7.99 5.62
N CYS A 42 -22.40 7.63 6.87
CA CYS A 42 -21.38 7.52 7.90
C CYS A 42 -21.87 6.57 8.99
N PRO A 43 -21.00 6.16 9.90
CA PRO A 43 -21.46 5.28 10.98
C PRO A 43 -22.42 6.03 11.90
N ARG A 44 -23.51 5.35 12.25
CA ARG A 44 -24.49 6.05 13.08
C ARG A 44 -24.00 6.30 14.50
N HIS A 45 -22.94 5.62 14.96
CA HIS A 45 -22.47 5.82 16.32
C HIS A 45 -21.95 7.23 16.54
N VAL A 46 -21.87 8.04 15.49
CA VAL A 46 -21.60 9.46 15.63
C VAL A 46 -22.63 10.16 16.51
N ILE A 47 -23.83 9.59 16.68
CA ILE A 47 -24.86 10.23 17.51
C ILE A 47 -24.90 9.69 18.92
N CYS A 48 -24.10 8.69 19.26
CA CYS A 48 -24.07 8.21 20.64
C CYS A 48 -23.14 9.10 21.48
N THR A 49 -23.24 8.96 22.81
CA THR A 49 -22.37 9.71 23.72
C THR A 49 -21.92 8.76 24.83
N SER A 50 -20.97 9.23 25.66
CA SER A 50 -20.50 8.37 26.74
C SER A 50 -21.62 7.97 27.69
N GLU A 51 -22.70 8.76 27.74
CA GLU A 51 -23.84 8.47 28.61
C GLU A 51 -24.66 7.28 28.13
N ASP A 52 -24.62 6.94 26.83
CA ASP A 52 -25.47 5.87 26.32
C ASP A 52 -24.73 4.85 25.47
N MET A 53 -23.41 4.91 25.39
CA MET A 53 -22.68 4.08 24.43
C MET A 53 -22.70 2.59 24.77
N LEU A 54 -23.05 2.19 26.00
CA LEU A 54 -23.11 0.76 26.30
C LEU A 54 -24.39 0.11 25.80
N ASN A 55 -25.41 0.90 25.49
CA ASN A 55 -26.70 0.39 25.05
C ASN A 55 -27.41 1.57 24.39
N PRO A 56 -26.91 1.99 23.22
CA PRO A 56 -27.44 3.20 22.58
C PRO A 56 -28.72 2.85 21.83
N ASN A 57 -29.81 3.53 22.19
CA ASN A 57 -31.07 3.26 21.50
C ASN A 57 -31.13 4.19 20.30
N TYR A 58 -30.59 3.71 19.18
CA TYR A 58 -30.32 4.58 18.07
C TYR A 58 -31.59 5.19 17.48
N GLU A 59 -32.69 4.43 17.43
CA GLU A 59 -33.92 4.98 16.88
C GLU A 59 -34.42 6.13 17.73
N ASP A 60 -34.29 6.00 19.04
CA ASP A 60 -34.69 7.11 19.91
C ASP A 60 -33.72 8.29 19.77
N LEU A 61 -32.42 8.02 19.72
CA LEU A 61 -31.45 9.11 19.56
C LEU A 61 -31.66 9.84 18.24
N LEU A 62 -31.93 9.10 17.16
CA LEU A 62 -31.99 9.71 15.84
C LEU A 62 -33.16 10.68 15.70
N ILE A 63 -34.34 10.27 16.19
CA ILE A 63 -35.53 11.10 16.05
C ILE A 63 -35.40 12.38 16.84
N ARG A 64 -34.53 12.41 17.84
CA ARG A 64 -34.35 13.57 18.70
C ARG A 64 -33.32 14.54 18.14
N LYS A 65 -32.64 14.15 17.07
CA LYS A 65 -31.72 15.06 16.41
C LYS A 65 -32.43 15.89 15.35
N SER A 66 -31.95 17.11 15.22
CA SER A 66 -32.33 17.97 14.13
C SER A 66 -31.25 17.97 13.06
N ASN A 67 -31.63 18.35 11.85
CA ASN A 67 -30.64 18.45 10.78
C ASN A 67 -29.48 19.35 11.18
N HIS A 68 -29.75 20.44 11.88
CA HIS A 68 -28.66 21.36 12.24
C HIS A 68 -27.72 20.80 13.30
N ASN A 69 -28.05 19.67 13.97
CA ASN A 69 -27.10 19.05 14.89
C ASN A 69 -25.94 18.37 14.16
N PHE A 70 -26.02 18.23 12.85
CA PHE A 70 -24.99 17.53 12.07
C PHE A 70 -24.19 18.57 11.30
N LEU A 71 -22.88 18.61 11.55
CA LEU A 71 -21.99 19.50 10.81
C LEU A 71 -21.22 18.65 9.81
N VAL A 72 -21.44 18.93 8.54
CA VAL A 72 -20.77 18.22 7.47
C VAL A 72 -19.86 19.22 6.76
N GLN A 73 -18.58 18.91 6.72
CA GLN A 73 -17.60 19.79 6.08
C GLN A 73 -16.88 19.04 4.96
N ALA A 74 -16.92 19.63 3.76
CA ALA A 74 -16.23 19.12 2.58
C ALA A 74 -15.14 20.13 2.28
N GLY A 75 -13.96 19.90 2.86
CA GLY A 75 -12.90 20.90 2.83
C GLY A 75 -13.36 22.20 3.46
N ASN A 76 -13.33 23.26 2.64
CA ASN A 76 -13.61 24.60 3.10
C ASN A 76 -15.11 24.91 3.22
N VAL A 77 -15.97 24.01 2.73
CA VAL A 77 -17.40 24.27 2.57
C VAL A 77 -18.17 23.44 3.58
N GLN A 78 -19.10 24.08 4.28
CA GLN A 78 -20.08 23.34 5.08
C GLN A 78 -21.25 22.98 4.17
N LEU A 79 -21.68 21.72 4.23
CA LEU A 79 -22.82 21.27 3.45
C LEU A 79 -24.05 21.34 4.35
N ARG A 80 -25.13 21.82 3.79
CA ARG A 80 -26.36 21.98 4.56
C ARG A 80 -27.12 20.65 4.58
N VAL A 81 -27.36 20.13 5.78
CA VAL A 81 -28.11 18.89 5.96
C VAL A 81 -29.59 19.22 5.92
N ILE A 82 -30.33 18.55 5.04
CA ILE A 82 -31.76 18.76 4.85
C ILE A 82 -32.59 17.52 5.19
N GLY A 83 -31.96 16.47 5.69
CA GLY A 83 -32.72 15.32 6.18
C GLY A 83 -31.74 14.31 6.77
N HIS A 84 -32.26 13.48 7.66
CA HIS A 84 -31.44 12.45 8.30
C HIS A 84 -32.27 11.19 8.52
N SER A 85 -31.67 10.04 8.23
CA SER A 85 -32.29 8.75 8.47
C SER A 85 -31.17 7.75 8.68
N MET A 86 -31.53 6.51 9.00
CA MET A 86 -30.53 5.47 9.12
C MET A 86 -31.05 4.19 8.50
N GLN A 87 -30.12 3.43 7.97
CA GLN A 87 -30.36 2.12 7.42
C GLN A 87 -29.40 1.21 8.16
N ASN A 88 -29.93 0.30 8.97
CA ASN A 88 -29.09 -0.50 9.86
C ASN A 88 -28.13 0.41 10.60
N CYS A 89 -26.84 0.16 10.51
CA CYS A 89 -25.88 0.92 11.30
C CYS A 89 -25.26 2.11 10.56
N VAL A 90 -25.83 2.49 9.40
CA VAL A 90 -25.33 3.62 8.60
C VAL A 90 -26.32 4.76 8.67
N LEU A 91 -25.82 5.92 9.11
CA LEU A 91 -26.57 7.16 9.09
C LEU A 91 -26.47 7.77 7.70
N LYS A 92 -27.59 8.25 7.19
CA LYS A 92 -27.69 8.87 5.88
C LYS A 92 -28.14 10.30 6.09
N LEU A 93 -27.29 11.25 5.73
CA LEU A 93 -27.56 12.67 5.84
C LEU A 93 -27.82 13.18 4.43
N LYS A 94 -29.05 13.59 4.15
CA LYS A 94 -29.34 14.18 2.86
C LYS A 94 -28.85 15.62 2.91
N VAL A 95 -28.14 16.04 1.85
CA VAL A 95 -27.59 17.39 1.78
C VAL A 95 -28.18 18.08 0.55
N ASP A 96 -28.02 19.40 0.53
CA ASP A 96 -28.68 20.18 -0.51
C ASP A 96 -27.87 20.29 -1.79
N THR A 97 -26.72 19.62 -1.87
CA THR A 97 -25.87 19.64 -3.04
C THR A 97 -25.41 18.23 -3.35
N ALA A 98 -25.60 17.80 -4.58
CA ALA A 98 -25.03 16.53 -5.02
C ALA A 98 -23.52 16.69 -5.22
N ASN A 99 -22.78 15.68 -4.83
CA ASN A 99 -21.33 15.74 -4.99
C ASN A 99 -20.96 15.75 -6.46
N PRO A 100 -20.34 16.83 -6.97
CA PRO A 100 -20.00 16.86 -8.39
C PRO A 100 -18.92 15.88 -8.77
N LYS A 101 -18.21 15.33 -7.79
CA LYS A 101 -17.18 14.33 -8.03
C LYS A 101 -17.67 12.91 -7.80
N THR A 102 -18.98 12.71 -7.67
CA THR A 102 -19.53 11.36 -7.49
C THR A 102 -19.11 10.49 -8.66
N PRO A 103 -18.40 9.38 -8.43
CA PRO A 103 -18.06 8.47 -9.53
C PRO A 103 -19.23 7.54 -9.82
N LYS A 104 -19.10 6.79 -10.91
CA LYS A 104 -19.97 5.65 -11.10
C LYS A 104 -19.71 4.68 -9.95
N TYR A 105 -20.78 4.22 -9.29
CA TYR A 105 -20.57 3.39 -8.12
C TYR A 105 -21.71 2.41 -7.92
N LYS A 106 -21.41 1.40 -7.08
CA LYS A 106 -22.38 0.47 -6.60
C LYS A 106 -21.99 0.09 -5.18
N PHE A 107 -22.96 -0.43 -4.45
CA PHE A 107 -22.74 -1.01 -3.12
C PHE A 107 -22.81 -2.53 -3.24
N VAL A 108 -21.79 -3.21 -2.75
CA VAL A 108 -21.74 -4.67 -2.75
C VAL A 108 -21.40 -5.17 -1.35
N ARG A 109 -21.84 -6.38 -1.08
CA ARG A 109 -21.44 -7.10 0.11
C ARG A 109 -20.42 -8.16 -0.28
N ILE A 110 -19.22 -8.08 0.26
CA ILE A 110 -18.15 -8.99 -0.15
C ILE A 110 -18.24 -10.29 0.64
N GLN A 111 -17.64 -11.36 0.06
CA GLN A 111 -17.58 -12.65 0.73
C GLN A 111 -16.28 -12.80 1.51
N PRO A 112 -16.27 -13.59 2.59
CA PRO A 112 -14.99 -13.88 3.24
C PRO A 112 -14.03 -14.52 2.26
N GLY A 113 -12.78 -14.11 2.39
CA GLY A 113 -11.74 -14.54 1.50
C GLY A 113 -11.44 -13.57 0.37
N GLN A 114 -12.36 -12.66 0.07
CA GLN A 114 -12.13 -11.67 -0.96
C GLN A 114 -11.43 -10.44 -0.38
N THR A 115 -10.81 -9.67 -1.26
CA THR A 115 -10.01 -8.52 -0.86
C THR A 115 -10.63 -7.22 -1.39
N PHE A 116 -10.15 -6.13 -0.81
CA PHE A 116 -10.60 -4.80 -1.17
C PHE A 116 -9.55 -3.79 -0.73
N SER A 117 -9.60 -2.61 -1.33
CA SER A 117 -8.74 -1.54 -0.90
C SER A 117 -9.44 -0.69 0.14
N VAL A 118 -8.68 -0.22 1.12
CA VAL A 118 -9.16 0.68 2.15
C VAL A 118 -8.51 2.04 1.95
N LEU A 119 -9.31 3.09 1.95
CA LEU A 119 -8.82 4.48 2.03
C LEU A 119 -9.02 4.94 3.47
N ALA A 120 -7.95 4.89 4.26
CA ALA A 120 -8.01 5.31 5.65
C ALA A 120 -8.03 6.83 5.67
N CYS A 121 -8.98 7.40 6.38
CA CYS A 121 -9.18 8.84 6.46
C CYS A 121 -9.32 9.25 7.91
N TYR A 122 -8.90 10.48 8.20
CA TYR A 122 -9.04 11.10 9.51
C TYR A 122 -9.57 12.52 9.32
N ASN A 123 -10.62 12.88 10.06
CA ASN A 123 -11.22 14.21 9.94
C ASN A 123 -11.60 14.56 8.50
N GLY A 124 -12.07 13.57 7.76
CA GLY A 124 -12.48 13.78 6.41
C GLY A 124 -11.35 13.85 5.39
N SER A 125 -10.10 13.67 5.82
CA SER A 125 -8.94 13.79 4.95
C SER A 125 -8.33 12.42 4.70
N PRO A 126 -8.20 12.03 3.44
CA PRO A 126 -7.52 10.78 3.09
C PRO A 126 -6.08 10.78 3.56
N SER A 127 -5.67 9.64 4.14
CA SER A 127 -4.38 9.48 4.78
C SER A 127 -3.55 8.34 4.20
N GLY A 128 -4.17 7.22 3.83
CA GLY A 128 -3.43 6.05 3.40
C GLY A 128 -4.32 5.09 2.64
N VAL A 129 -3.71 4.28 1.79
CA VAL A 129 -4.43 3.28 1.01
CA VAL A 129 -4.41 3.29 0.99
C VAL A 129 -3.70 1.96 1.12
N TYR A 130 -4.47 0.88 1.30
CA TYR A 130 -3.86 -0.45 1.45
C TYR A 130 -4.91 -1.51 1.24
N GLN A 131 -4.46 -2.71 0.90
CA GLN A 131 -5.32 -3.85 0.64
C GLN A 131 -5.59 -4.63 1.93
N CYS A 132 -6.84 -5.09 2.07
CA CYS A 132 -7.34 -5.88 3.18
C CYS A 132 -8.13 -7.05 2.64
N ALA A 133 -8.23 -8.11 3.44
CA ALA A 133 -9.11 -9.24 3.12
C ALA A 133 -10.24 -9.30 4.15
N MET A 134 -11.44 -9.63 3.67
CA MET A 134 -12.51 -10.01 4.60
C MET A 134 -12.21 -11.42 5.09
N ARG A 135 -12.01 -11.57 6.38
CA ARG A 135 -11.58 -12.86 6.87
C ARG A 135 -12.78 -13.76 7.12
N PRO A 136 -12.55 -15.07 7.24
CA PRO A 136 -13.64 -16.01 7.51
C PRO A 136 -14.44 -15.69 8.77
N ASN A 137 -13.83 -15.09 9.79
CA ASN A 137 -14.55 -14.69 11.00
C ASN A 137 -15.07 -13.26 10.90
N PHE A 138 -15.06 -12.71 9.70
CA PHE A 138 -15.66 -11.41 9.38
C PHE A 138 -15.00 -10.24 10.06
N THR A 139 -13.74 -10.37 10.43
CA THR A 139 -12.91 -9.26 10.82
C THR A 139 -12.00 -8.90 9.67
N ILE A 140 -11.39 -7.73 9.79
CA ILE A 140 -10.32 -7.34 8.88
C ILE A 140 -9.15 -6.88 9.72
N LYS A 141 -7.96 -7.11 9.20
CA LYS A 141 -6.75 -6.66 9.85
C LYS A 141 -6.42 -5.33 9.21
N GLY A 142 -7.02 -4.26 9.73
CA GLY A 142 -6.77 -2.93 9.23
C GLY A 142 -5.68 -2.23 10.01
N SER A 143 -5.37 -1.04 9.52
CA SER A 143 -4.60 -0.04 10.24
C SER A 143 -5.61 1.07 10.35
N PHE A 144 -6.38 1.03 11.42
CA PHE A 144 -7.38 2.04 11.71
C PHE A 144 -7.12 2.53 13.12
N LEU A 145 -6.93 3.83 13.27
CA LEU A 145 -6.71 4.48 14.55
C LEU A 145 -7.95 5.27 14.94
N ASN A 146 -7.86 5.98 16.06
CA ASN A 146 -8.94 6.88 16.45
C ASN A 146 -9.27 7.84 15.31
N GLY A 147 -10.56 8.04 15.07
CA GLY A 147 -11.02 8.97 14.06
C GLY A 147 -11.17 8.37 12.68
N SER A 148 -10.84 7.09 12.52
CA SER A 148 -10.88 6.45 11.21
C SER A 148 -12.27 5.98 10.83
N CYS A 149 -13.25 6.01 11.75
CA CYS A 149 -14.56 5.49 11.42
C CYS A 149 -15.14 6.25 10.23
N GLY A 150 -15.85 5.53 9.38
CA GLY A 150 -16.35 6.06 8.14
C GLY A 150 -15.40 5.96 6.96
N SER A 151 -14.13 5.60 7.20
CA SER A 151 -13.28 5.16 6.11
C SER A 151 -13.93 3.99 5.41
N VAL A 152 -13.70 3.86 4.09
CA VAL A 152 -14.38 2.84 3.31
C VAL A 152 -13.42 1.91 2.60
N GLY A 153 -13.94 0.74 2.27
CA GLY A 153 -13.26 -0.23 1.45
C GLY A 153 -13.99 -0.39 0.13
N PHE A 154 -13.23 -0.68 -0.93
CA PHE A 154 -13.78 -0.64 -2.28
C PHE A 154 -12.91 -1.47 -3.21
N ASN A 155 -13.51 -1.82 -4.34
CA ASN A 155 -12.77 -2.31 -5.50
C ASN A 155 -13.21 -1.49 -6.69
N ILE A 156 -12.39 -1.48 -7.73
CA ILE A 156 -12.70 -0.73 -8.94
C ILE A 156 -12.72 -1.71 -10.10
N ASP A 157 -13.78 -1.64 -10.89
CA ASP A 157 -13.94 -2.44 -12.09
C ASP A 157 -14.28 -1.47 -13.21
N TYR A 158 -13.41 -1.36 -14.21
CA TYR A 158 -13.58 -0.39 -15.29
C TYR A 158 -13.59 0.99 -14.65
N ASP A 159 -14.64 1.80 -14.79
CA ASP A 159 -14.71 3.09 -14.13
C ASP A 159 -15.62 3.08 -12.92
N CYS A 160 -16.08 1.91 -12.48
CA CYS A 160 -17.11 1.80 -11.44
C CYS A 160 -16.47 1.42 -10.11
N VAL A 161 -16.78 2.21 -9.08
CA VAL A 161 -16.32 1.94 -7.72
C VAL A 161 -17.38 1.08 -7.02
N SER A 162 -17.00 -0.13 -6.61
CA SER A 162 -17.86 -0.98 -5.80
C SER A 162 -17.44 -0.83 -4.34
N PHE A 163 -18.24 -0.13 -3.56
CA PHE A 163 -17.97 0.05 -2.14
C PHE A 163 -18.48 -1.17 -1.39
N CYS A 164 -17.65 -1.72 -0.50
CA CYS A 164 -18.05 -2.90 0.22
C CYS A 164 -17.89 -2.82 1.71
N TYR A 165 -17.24 -1.79 2.24
CA TYR A 165 -16.93 -1.77 3.67
C TYR A 165 -16.96 -0.34 4.17
N MET A 166 -17.49 -0.16 5.37
CA MET A 166 -17.32 1.09 6.09
C MET A 166 -16.87 0.76 7.50
N HIS A 167 -15.89 1.49 8.00
CA HIS A 167 -15.25 1.12 9.24
C HIS A 167 -16.01 1.65 10.46
N HIS A 168 -16.23 0.78 11.46
CA HIS A 168 -16.92 1.16 12.70
C HIS A 168 -16.14 0.95 14.00
N MET A 169 -15.31 -0.08 14.15
CA MET A 169 -14.83 -0.41 15.50
C MET A 169 -13.58 -1.28 15.45
N GLU A 170 -12.90 -1.32 16.60
CA GLU A 170 -11.77 -2.21 16.83
C GLU A 170 -12.13 -3.21 17.93
N LEU A 171 -11.60 -4.44 17.80
CA LEU A 171 -11.81 -5.47 18.79
C LEU A 171 -10.61 -5.56 19.69
N PRO A 172 -10.76 -6.16 20.88
CA PRO A 172 -9.63 -6.21 21.83
C PRO A 172 -8.40 -6.91 21.28
N THR A 173 -8.51 -7.76 20.27
CA THR A 173 -7.33 -8.39 19.68
C THR A 173 -6.62 -7.48 18.67
N GLY A 174 -7.14 -6.26 18.45
CA GLY A 174 -6.52 -5.33 17.53
C GLY A 174 -6.98 -5.45 16.10
N VAL A 175 -7.91 -6.36 15.80
CA VAL A 175 -8.50 -6.41 14.47
C VAL A 175 -9.74 -5.52 14.45
N HIS A 176 -10.37 -5.45 13.29
CA HIS A 176 -11.40 -4.45 13.05
C HIS A 176 -12.67 -5.06 12.52
N ALA A 177 -13.76 -4.30 12.72
CA ALA A 177 -15.09 -4.69 12.28
C ALA A 177 -15.84 -3.50 11.74
N GLY A 178 -16.70 -3.79 10.79
CA GLY A 178 -17.51 -2.75 10.19
C GLY A 178 -18.63 -3.34 9.36
N THR A 179 -19.21 -2.51 8.51
CA THR A 179 -20.43 -2.85 7.82
C THR A 179 -20.24 -2.73 6.33
N ASP A 180 -21.22 -3.26 5.59
CA ASP A 180 -21.39 -2.87 4.21
C ASP A 180 -22.06 -1.49 4.16
N LEU A 181 -22.26 -0.96 2.95
CA LEU A 181 -22.83 0.37 2.82
C LEU A 181 -24.34 0.37 2.98
N GLU A 182 -24.96 -0.80 3.19
CA GLU A 182 -26.33 -0.87 3.68
C GLU A 182 -26.38 -0.91 5.20
N GLY A 183 -25.24 -0.79 5.86
CA GLY A 183 -25.20 -0.72 7.30
C GLY A 183 -25.25 -2.05 8.05
N ASN A 184 -25.17 -3.19 7.36
CA ASN A 184 -25.19 -4.48 8.04
C ASN A 184 -23.76 -4.90 8.37
N PHE A 185 -23.48 -5.17 9.65
CA PHE A 185 -22.15 -5.63 10.01
C PHE A 185 -21.79 -6.89 9.25
N TYR A 186 -20.52 -6.99 8.91
CA TYR A 186 -19.90 -8.27 8.67
C TYR A 186 -19.63 -8.90 10.03
N GLY A 187 -20.19 -10.08 10.27
CA GLY A 187 -19.96 -10.78 11.51
C GLY A 187 -20.93 -10.40 12.62
N PRO A 188 -20.73 -10.99 13.80
CA PRO A 188 -21.74 -10.90 14.88
C PRO A 188 -21.52 -9.70 15.80
N PHE A 189 -21.04 -8.60 15.25
CA PHE A 189 -20.63 -7.44 16.03
C PHE A 189 -21.77 -6.44 16.10
N VAL A 190 -21.68 -5.56 17.09
CA VAL A 190 -22.74 -4.60 17.41
C VAL A 190 -22.09 -3.25 17.68
N ASP A 191 -22.74 -2.18 17.24
CA ASP A 191 -22.22 -0.83 17.44
C ASP A 191 -22.58 -0.26 18.81
N ARG A 192 -22.08 -0.94 19.83
CA ARG A 192 -22.07 -0.46 21.20
C ARG A 192 -20.63 -0.53 21.69
N GLN A 193 -20.33 0.26 22.72
CA GLN A 193 -18.96 0.40 23.21
C GLN A 193 -18.67 -0.69 24.23
N THR A 194 -18.46 -1.89 23.71
CA THR A 194 -18.10 -3.03 24.53
C THR A 194 -16.97 -3.79 23.84
N ALA A 195 -16.26 -4.57 24.64
CA ALA A 195 -15.18 -5.44 24.18
C ALA A 195 -15.82 -6.68 23.57
N GLN A 196 -15.68 -6.84 22.26
CA GLN A 196 -16.33 -7.93 21.55
C GLN A 196 -15.28 -8.84 20.93
N ALA A 197 -15.35 -10.11 21.25
CA ALA A 197 -14.53 -11.13 20.63
C ALA A 197 -15.15 -11.64 19.35
N ALA A 198 -14.28 -12.01 18.39
CA ALA A 198 -14.70 -12.66 17.15
C ALA A 198 -14.70 -14.18 17.30
N GLY A 199 -15.33 -14.85 16.35
CA GLY A 199 -15.19 -16.29 16.24
C GLY A 199 -13.78 -16.66 15.85
N THR A 200 -13.50 -17.96 15.82
CA THR A 200 -12.11 -18.38 15.57
C THR A 200 -11.63 -17.88 14.21
N ASP A 201 -10.37 -17.44 14.18
CA ASP A 201 -9.74 -16.81 13.00
C ASP A 201 -9.16 -17.87 12.05
N THR A 202 -10.05 -18.54 11.34
CA THR A 202 -9.66 -19.55 10.37
CA THR A 202 -9.65 -19.57 10.39
C THR A 202 -8.90 -18.93 9.20
N THR A 203 -7.91 -19.67 8.69
CA THR A 203 -7.03 -19.17 7.63
C THR A 203 -7.63 -19.46 6.27
N ILE A 204 -7.44 -18.52 5.34
CA ILE A 204 -8.02 -18.63 4.00
C ILE A 204 -7.09 -19.50 3.13
N THR A 205 -7.41 -20.78 3.09
CA THR A 205 -6.52 -21.79 2.48
C THR A 205 -6.25 -21.49 1.01
N VAL A 206 -7.30 -21.17 0.24
CA VAL A 206 -7.12 -20.96 -1.21
C VAL A 206 -6.17 -19.80 -1.45
N ASN A 207 -6.18 -18.80 -0.55
CA ASN A 207 -5.26 -17.67 -0.67
C ASN A 207 -3.83 -18.08 -0.35
N VAL A 208 -3.63 -18.88 0.71
CA VAL A 208 -2.28 -19.36 1.01
C VAL A 208 -1.72 -20.12 -0.18
N LEU A 209 -2.54 -20.99 -0.78
CA LEU A 209 -2.09 -21.73 -1.95
C LEU A 209 -1.73 -20.78 -3.09
N ALA A 210 -2.59 -19.79 -3.37
CA ALA A 210 -2.29 -18.80 -4.40
C ALA A 210 -0.96 -18.14 -4.14
N TRP A 211 -0.68 -17.79 -2.89
CA TRP A 211 0.57 -17.16 -2.52
C TRP A 211 1.77 -18.11 -2.68
N LEU A 212 1.62 -19.39 -2.33
CA LEU A 212 2.66 -20.37 -2.64
C LEU A 212 2.90 -20.45 -4.16
N TYR A 213 1.85 -20.35 -4.98
CA TYR A 213 2.11 -20.34 -6.43
C TYR A 213 2.87 -19.08 -6.80
N ALA A 214 2.53 -17.95 -6.18
CA ALA A 214 3.25 -16.71 -6.45
C ALA A 214 4.73 -16.86 -6.09
N ALA A 215 5.03 -17.55 -4.98
CA ALA A 215 6.41 -17.74 -4.56
C ALA A 215 7.17 -18.58 -5.59
N VAL A 216 6.50 -19.55 -6.19
CA VAL A 216 7.13 -20.37 -7.21
C VAL A 216 7.41 -19.55 -8.46
N ILE A 217 6.42 -18.77 -8.90
CA ILE A 217 6.59 -17.89 -10.06
C ILE A 217 7.81 -16.99 -9.86
N ASN A 218 8.04 -16.52 -8.63
CA ASN A 218 9.19 -15.68 -8.31
C ASN A 218 10.42 -16.49 -7.96
N GLY A 219 10.47 -17.76 -8.35
CA GLY A 219 11.66 -18.56 -8.22
C GLY A 219 11.97 -19.10 -6.85
N ASP A 220 11.01 -19.09 -5.93
CA ASP A 220 11.17 -19.72 -4.63
C ASP A 220 10.51 -21.10 -4.72
N ARG A 221 11.27 -22.15 -4.46
CA ARG A 221 10.77 -23.50 -4.68
C ARG A 221 11.06 -24.45 -3.52
N TRP A 222 11.65 -23.95 -2.43
CA TRP A 222 12.21 -24.81 -1.41
C TRP A 222 11.19 -25.65 -0.68
N PHE A 223 9.93 -25.20 -0.65
CA PHE A 223 8.88 -25.84 0.13
C PHE A 223 8.12 -26.89 -0.67
N LEU A 224 8.47 -27.08 -1.94
CA LEU A 224 7.76 -28.06 -2.76
C LEU A 224 8.18 -29.46 -2.36
N ASN A 225 7.29 -30.41 -2.61
CA ASN A 225 7.63 -31.81 -2.41
C ASN A 225 7.05 -32.64 -3.54
N ARG A 226 7.56 -33.86 -3.66
CA ARG A 226 7.08 -34.74 -4.72
C ARG A 226 5.78 -35.42 -4.33
N PHE A 227 5.49 -35.48 -3.03
CA PHE A 227 4.31 -36.19 -2.55
C PHE A 227 3.06 -35.53 -3.11
N THR A 228 1.97 -36.27 -3.03
CA THR A 228 0.67 -35.73 -3.33
C THR A 228 -0.29 -36.16 -2.23
N THR A 229 -1.54 -35.76 -2.38
CA THR A 229 -2.54 -35.99 -1.35
C THR A 229 -3.89 -35.96 -2.02
N THR A 230 -4.84 -36.69 -1.46
CA THR A 230 -6.20 -36.50 -1.90
C THR A 230 -6.74 -35.21 -1.29
N LEU A 231 -7.82 -34.72 -1.89
CA LEU A 231 -8.45 -33.50 -1.40
C LEU A 231 -8.93 -33.67 0.04
N ASN A 232 -9.56 -34.80 0.34
CA ASN A 232 -10.06 -34.97 1.70
C ASN A 232 -8.93 -35.11 2.70
N ASP A 233 -7.85 -35.83 2.36
CA ASP A 233 -6.76 -35.95 3.32
C ASP A 233 -6.11 -34.61 3.57
N PHE A 234 -6.01 -33.78 2.55
CA PHE A 234 -5.55 -32.42 2.78
C PHE A 234 -6.50 -31.68 3.71
N ASN A 235 -7.80 -31.76 3.43
CA ASN A 235 -8.75 -30.99 4.21
C ASN A 235 -8.79 -31.42 5.67
N LEU A 236 -8.58 -32.71 5.96
CA LEU A 236 -8.52 -33.13 7.35
C LEU A 236 -7.38 -32.44 8.09
N VAL A 237 -6.22 -32.35 7.46
CA VAL A 237 -5.10 -31.65 8.08
C VAL A 237 -5.35 -30.16 8.14
N ALA A 238 -5.91 -29.60 7.07
CA ALA A 238 -6.19 -28.16 7.09
C ALA A 238 -7.05 -27.81 8.29
N MET A 239 -8.13 -28.56 8.49
CA MET A 239 -9.03 -28.25 9.60
C MET A 239 -8.36 -28.44 10.95
N LYS A 240 -7.45 -29.42 11.07
CA LYS A 240 -6.73 -29.59 12.33
C LYS A 240 -5.98 -28.32 12.68
N TYR A 241 -5.52 -27.58 11.67
CA TYR A 241 -4.75 -26.37 11.86
C TYR A 241 -5.59 -25.09 11.70
N ASN A 242 -6.90 -25.22 11.72
CA ASN A 242 -7.80 -24.08 11.65
C ASN A 242 -7.65 -23.37 10.30
N TYR A 243 -7.40 -24.13 9.26
CA TYR A 243 -7.53 -23.66 7.88
C TYR A 243 -8.87 -24.08 7.32
N GLU A 244 -9.39 -23.28 6.39
CA GLU A 244 -10.61 -23.66 5.68
C GLU A 244 -10.39 -24.93 4.88
N PRO A 245 -11.36 -25.82 4.80
CA PRO A 245 -11.26 -26.90 3.82
C PRO A 245 -11.34 -26.31 2.42
N LEU A 246 -10.59 -26.92 1.52
CA LEU A 246 -10.55 -26.47 0.13
C LEU A 246 -11.71 -27.10 -0.62
N THR A 247 -12.58 -26.25 -1.17
CA THR A 247 -13.72 -26.70 -1.96
C THR A 247 -13.29 -26.94 -3.40
N GLN A 248 -14.15 -27.63 -4.16
CA GLN A 248 -13.82 -27.89 -5.56
C GLN A 248 -13.83 -26.60 -6.37
N ASP A 249 -14.73 -25.67 -6.04
CA ASP A 249 -14.70 -24.37 -6.72
C ASP A 249 -13.37 -23.68 -6.51
N HIS A 250 -12.79 -23.83 -5.31
CA HIS A 250 -11.50 -23.20 -5.04
C HIS A 250 -10.37 -23.92 -5.76
N VAL A 251 -10.46 -25.24 -5.86
CA VAL A 251 -9.50 -25.97 -6.68
C VAL A 251 -9.56 -25.45 -8.10
N ASP A 252 -10.77 -25.20 -8.60
CA ASP A 252 -10.93 -24.69 -9.97
C ASP A 252 -10.31 -23.31 -10.11
N ILE A 253 -10.62 -22.42 -9.17
CA ILE A 253 -10.08 -21.05 -9.17
C ILE A 253 -8.56 -21.04 -9.29
N LEU A 254 -7.88 -22.08 -8.81
CA LEU A 254 -6.42 -22.14 -8.84
C LEU A 254 -5.88 -22.73 -10.14
N GLY A 255 -6.74 -23.04 -11.11
CA GLY A 255 -6.33 -23.65 -12.35
C GLY A 255 -5.28 -22.85 -13.12
N PRO A 256 -5.54 -21.57 -13.33
CA PRO A 256 -4.55 -20.73 -14.02
C PRO A 256 -3.15 -20.85 -13.44
N LEU A 257 -3.00 -20.64 -12.13
CA LEU A 257 -1.67 -20.71 -11.53
C LEU A 257 -1.08 -22.10 -11.67
N SER A 258 -1.92 -23.12 -11.56
CA SER A 258 -1.46 -24.49 -11.73
C SER A 258 -0.96 -24.73 -13.14
N ALA A 259 -1.74 -24.28 -14.13
CA ALA A 259 -1.31 -24.38 -15.52
C ALA A 259 -0.01 -23.63 -15.75
N GLN A 260 0.08 -22.41 -15.23
CA GLN A 260 1.25 -21.58 -15.48
C GLN A 260 2.51 -22.21 -14.91
N THR A 261 2.42 -22.82 -13.73
CA THR A 261 3.59 -23.36 -13.04
C THR A 261 3.80 -24.85 -13.30
N GLY A 262 2.80 -25.54 -13.84
CA GLY A 262 2.92 -26.98 -13.97
C GLY A 262 2.98 -27.69 -12.63
N ILE A 263 2.33 -27.15 -11.62
CA ILE A 263 2.20 -27.79 -10.31
C ILE A 263 0.70 -27.97 -10.10
N ALA A 264 0.24 -29.22 -10.14
CA ALA A 264 -1.17 -29.49 -9.91
C ALA A 264 -1.57 -29.01 -8.52
N VAL A 265 -2.84 -28.62 -8.39
CA VAL A 265 -3.33 -28.04 -7.13
C VAL A 265 -3.04 -28.99 -5.96
N LEU A 266 -3.32 -30.28 -6.15
CA LEU A 266 -3.13 -31.22 -5.05
C LEU A 266 -1.67 -31.43 -4.70
N ASP A 267 -0.74 -31.17 -5.62
CA ASP A 267 0.67 -31.21 -5.24
C ASP A 267 1.04 -30.02 -4.37
N MET A 268 0.45 -28.84 -4.67
CA MET A 268 0.71 -27.68 -3.82
C MET A 268 0.06 -27.87 -2.47
N CYS A 269 -1.10 -28.54 -2.44
CA CYS A 269 -1.71 -28.92 -1.17
C CYS A 269 -0.80 -29.80 -0.35
N ALA A 270 -0.12 -30.76 -1.00
CA ALA A 270 0.80 -31.62 -0.28
C ALA A 270 1.97 -30.84 0.31
N SER A 271 2.42 -29.80 -0.40
CA SER A 271 3.48 -28.94 0.12
C SER A 271 2.99 -28.13 1.30
N LEU A 272 1.79 -27.56 1.21
CA LEU A 272 1.23 -26.81 2.31
C LEU A 272 1.01 -27.70 3.52
N LYS A 273 0.55 -28.93 3.30
CA LYS A 273 0.42 -29.87 4.40
C LYS A 273 1.74 -30.03 5.14
N GLU A 274 2.84 -30.23 4.39
CA GLU A 274 4.15 -30.36 5.00
C GLU A 274 4.51 -29.12 5.81
N LEU A 275 4.21 -27.92 5.27
CA LEU A 275 4.52 -26.71 6.00
C LEU A 275 3.71 -26.59 7.29
N LEU A 276 2.44 -27.01 7.28
CA LEU A 276 1.65 -26.91 8.50
C LEU A 276 2.17 -27.83 9.59
N GLN A 277 2.66 -29.01 9.19
CA GLN A 277 3.02 -30.00 10.19
C GLN A 277 4.42 -29.78 10.76
N ASN A 278 5.34 -29.26 9.96
CA ASN A 278 6.71 -29.06 10.39
C ASN A 278 7.06 -27.62 10.66
N GLY A 279 6.33 -26.68 10.09
CA GLY A 279 6.73 -25.31 10.10
C GLY A 279 7.76 -25.06 9.02
N MET A 280 8.36 -23.87 9.09
CA MET A 280 9.30 -23.44 8.09
C MET A 280 10.75 -23.62 8.52
N ASN A 281 10.98 -24.12 9.73
CA ASN A 281 12.33 -24.42 10.22
C ASN A 281 13.26 -23.25 9.96
N GLY A 282 12.83 -22.07 10.38
CA GLY A 282 13.63 -20.87 10.30
C GLY A 282 13.86 -20.32 8.90
N ARG A 283 13.20 -20.86 7.88
CA ARG A 283 13.28 -20.29 6.54
C ARG A 283 12.12 -19.31 6.32
N THR A 284 12.16 -18.62 5.18
CA THR A 284 11.10 -17.71 4.80
C THR A 284 10.61 -18.01 3.39
N ILE A 285 9.40 -17.54 3.10
CA ILE A 285 8.82 -17.58 1.77
C ILE A 285 8.42 -16.16 1.42
N LEU A 286 8.88 -15.69 0.26
CA LEU A 286 8.61 -14.32 -0.18
C LEU A 286 8.90 -13.33 0.96
N GLY A 287 9.94 -13.63 1.73
CA GLY A 287 10.40 -12.76 2.79
C GLY A 287 9.66 -12.89 4.10
N SER A 288 8.67 -13.78 4.19
CA SER A 288 7.81 -13.89 5.36
C SER A 288 8.10 -15.16 6.13
N ALA A 289 8.14 -15.07 7.45
CA ALA A 289 8.23 -16.25 8.29
C ALA A 289 6.88 -16.86 8.59
N LEU A 290 5.81 -16.28 8.05
CA LEU A 290 4.46 -16.76 8.23
C LEU A 290 3.82 -17.01 6.87
N LEU A 291 2.90 -17.97 6.83
CA LEU A 291 2.12 -18.18 5.62
C LEU A 291 1.09 -17.06 5.49
N GLU A 292 1.06 -16.45 4.32
CA GLU A 292 0.20 -15.30 4.06
C GLU A 292 -1.08 -15.73 3.37
N ASP A 293 -2.23 -15.21 3.85
CA ASP A 293 -3.52 -15.63 3.34
C ASP A 293 -4.38 -14.46 2.86
N GLU A 294 -3.80 -13.30 2.57
CA GLU A 294 -4.59 -12.14 2.13
C GLU A 294 -4.40 -11.81 0.65
N PHE A 295 -3.88 -12.74 -0.16
CA PHE A 295 -3.82 -12.58 -1.60
C PHE A 295 -4.73 -13.62 -2.24
N THR A 296 -5.69 -13.16 -3.03
CA THR A 296 -6.54 -14.07 -3.74
C THR A 296 -5.84 -14.61 -4.99
N PRO A 297 -6.34 -15.71 -5.53
CA PRO A 297 -5.84 -16.17 -6.84
C PRO A 297 -5.88 -15.07 -7.88
N PHE A 298 -6.94 -14.25 -7.89
CA PHE A 298 -7.01 -13.13 -8.82
C PHE A 298 -5.90 -12.13 -8.58
N ASP A 299 -5.72 -11.71 -7.32
CA ASP A 299 -4.68 -10.75 -6.98
C ASP A 299 -3.31 -11.23 -7.49
N VAL A 300 -3.08 -12.55 -7.46
CA VAL A 300 -1.79 -13.08 -7.89
C VAL A 300 -1.68 -13.02 -9.41
N VAL A 301 -2.69 -13.53 -10.10
CA VAL A 301 -2.64 -13.63 -11.56
C VAL A 301 -2.32 -12.28 -12.18
N ARG A 302 -3.05 -11.24 -11.76
CA ARG A 302 -2.83 -9.90 -12.28
C ARG A 302 -1.49 -9.32 -11.83
N GLN A 303 -0.45 -10.14 -11.76
CA GLN A 303 0.84 -9.68 -11.27
C GLN A 303 1.94 -10.69 -11.62
N PHE B 7 1.61 -3.64 11.88
CA PHE B 7 2.27 -2.78 10.88
C PHE B 7 2.17 -3.33 9.47
N ARG B 8 1.83 -2.47 8.51
CA ARG B 8 1.63 -2.91 7.13
C ARG B 8 2.13 -1.81 6.20
N LYS B 9 2.50 -2.21 4.99
CA LYS B 9 2.82 -1.24 3.95
C LYS B 9 1.56 -0.47 3.57
N MET B 10 1.65 0.85 3.67
CA MET B 10 0.54 1.74 3.43
C MET B 10 1.02 2.78 2.44
N ALA B 11 0.29 2.95 1.35
CA ALA B 11 0.63 3.97 0.37
C ALA B 11 -0.09 5.26 0.70
N PHE B 12 0.41 6.36 0.16
CA PHE B 12 -0.34 7.59 0.20
C PHE B 12 -1.51 7.55 -0.79
N PRO B 13 -2.59 8.28 -0.51
CA PRO B 13 -3.66 8.38 -1.50
C PRO B 13 -3.10 8.92 -2.79
N SER B 14 -3.53 8.33 -3.88
CA SER B 14 -2.90 8.55 -5.17
C SER B 14 -3.58 9.61 -6.02
N GLY B 15 -4.71 10.16 -5.60
CA GLY B 15 -5.49 11.00 -6.52
C GLY B 15 -4.74 12.19 -7.06
N LYS B 16 -3.93 12.85 -6.22
CA LYS B 16 -3.22 14.03 -6.67
C LYS B 16 -2.24 13.67 -7.77
N VAL B 17 -1.75 12.44 -7.77
CA VAL B 17 -0.83 12.03 -8.81
C VAL B 17 -1.58 11.47 -10.01
N GLU B 18 -2.71 10.79 -9.79
CA GLU B 18 -3.53 10.31 -10.91
C GLU B 18 -3.82 11.45 -11.87
N GLY B 19 -4.16 12.63 -11.32
CA GLY B 19 -4.48 13.80 -12.11
C GLY B 19 -3.32 14.39 -12.90
N CYS B 20 -2.12 13.80 -12.80
CA CYS B 20 -0.95 14.28 -13.53
C CYS B 20 -0.40 13.26 -14.51
N MET B 21 -1.02 12.09 -14.64
CA MET B 21 -0.45 11.07 -15.52
C MET B 21 -0.95 11.24 -16.95
N VAL B 22 -0.01 11.12 -17.89
CA VAL B 22 -0.30 11.18 -19.31
C VAL B 22 0.50 10.08 -19.99
N GLN B 23 0.25 9.88 -21.27
CA GLN B 23 1.05 8.96 -22.07
C GLN B 23 1.84 9.77 -23.08
N VAL B 24 3.06 9.32 -23.33
CA VAL B 24 3.96 9.94 -24.29
C VAL B 24 4.40 8.88 -25.28
N THR B 25 4.24 9.19 -26.57
CA THR B 25 4.58 8.27 -27.64
C THR B 25 5.49 8.94 -28.66
N CYS B 26 6.50 8.19 -29.08
CA CYS B 26 7.39 8.59 -30.22
CA CYS B 26 7.34 8.58 -30.23
C CYS B 26 7.41 7.34 -31.14
N GLY B 27 6.94 7.55 -32.37
CA GLY B 27 6.81 6.38 -33.23
C GLY B 27 5.77 5.42 -32.67
N THR B 28 6.15 4.17 -32.45
CA THR B 28 5.33 3.18 -31.78
C THR B 28 5.69 2.99 -30.31
N THR B 29 6.72 3.69 -29.80
CA THR B 29 7.18 3.55 -28.42
C THR B 29 6.31 4.43 -27.52
N THR B 30 5.57 3.84 -26.59
CA THR B 30 4.71 4.59 -25.68
C THR B 30 5.11 4.29 -24.24
N LEU B 31 5.14 5.33 -23.41
CA LEU B 31 5.35 5.16 -21.99
C LEU B 31 4.57 6.26 -21.27
N ASN B 32 4.69 6.32 -19.95
CA ASN B 32 3.94 7.27 -19.14
C ASN B 32 4.76 8.53 -18.91
N GLY B 33 4.07 9.66 -18.75
CA GLY B 33 4.69 10.89 -18.35
C GLY B 33 3.91 11.56 -17.24
N LEU B 34 4.55 12.56 -16.65
CA LEU B 34 4.04 13.33 -15.54
C LEU B 34 3.84 14.78 -15.99
N TRP B 35 2.60 15.26 -15.90
CA TRP B 35 2.17 16.57 -16.42
C TRP B 35 1.95 17.51 -15.25
N LEU B 36 2.83 18.49 -15.13
CA LEU B 36 2.80 19.47 -14.04
C LEU B 36 2.91 20.84 -14.66
N ASP B 37 1.94 21.71 -14.39
CA ASP B 37 1.89 23.02 -15.07
C ASP B 37 1.93 22.73 -16.57
N ASP B 38 2.78 23.37 -17.36
CA ASP B 38 2.79 23.12 -18.79
C ASP B 38 3.99 22.31 -19.26
N VAL B 39 4.50 21.42 -18.39
CA VAL B 39 5.61 20.56 -18.75
C VAL B 39 5.21 19.12 -18.49
N VAL B 40 5.62 18.24 -19.40
CA VAL B 40 5.52 16.79 -19.23
C VAL B 40 6.93 16.24 -19.10
N TYR B 41 7.13 15.44 -18.06
CA TYR B 41 8.39 14.78 -17.75
C TYR B 41 8.25 13.29 -18.04
N CYS B 42 9.23 12.69 -18.73
CA CYS B 42 9.15 11.26 -19.00
C CYS B 42 10.57 10.71 -19.24
N PRO B 43 10.74 9.40 -19.24
CA PRO B 43 12.07 8.81 -19.52
C PRO B 43 12.51 9.14 -20.93
N ARG B 44 13.79 9.50 -21.08
CA ARG B 44 14.25 9.89 -22.42
C ARG B 44 14.23 8.74 -23.41
N HIS B 45 14.20 7.48 -22.95
CA HIS B 45 14.25 6.38 -23.92
C HIS B 45 12.95 6.22 -24.71
N VAL B 46 11.93 7.06 -24.46
CA VAL B 46 10.78 7.15 -25.36
C VAL B 46 11.24 7.42 -26.80
N ILE B 47 12.40 8.07 -26.98
CA ILE B 47 12.85 8.42 -28.34
C ILE B 47 13.54 7.25 -29.04
N CYS B 48 13.65 6.11 -28.40
CA CYS B 48 14.35 4.94 -28.93
C CYS B 48 13.36 3.95 -29.52
N THR B 49 13.70 3.39 -30.68
CA THR B 49 13.10 2.12 -31.05
C THR B 49 13.63 1.03 -30.12
N SER B 50 12.98 -0.13 -30.13
CA SER B 50 13.49 -1.22 -29.29
C SER B 50 14.96 -1.51 -29.62
N GLU B 51 15.32 -1.48 -30.90
CA GLU B 51 16.71 -1.75 -31.24
C GLU B 51 17.65 -0.64 -30.76
N ASP B 52 17.19 0.61 -30.78
CA ASP B 52 18.02 1.72 -30.30
C ASP B 52 18.41 1.53 -28.84
N MET B 53 17.55 0.87 -28.06
CA MET B 53 17.73 0.77 -26.62
C MET B 53 18.95 -0.07 -26.25
N LEU B 54 19.40 -0.96 -27.16
CA LEU B 54 20.58 -1.79 -26.88
C LEU B 54 21.85 -0.95 -26.74
N ASN B 55 21.97 0.15 -27.46
CA ASN B 55 23.17 0.96 -27.43
C ASN B 55 22.83 2.37 -27.95
N PRO B 56 22.05 3.13 -27.20
CA PRO B 56 21.57 4.43 -27.69
C PRO B 56 22.61 5.53 -27.65
N ASN B 57 22.60 6.37 -28.68
CA ASN B 57 23.27 7.68 -28.65
C ASN B 57 22.16 8.70 -28.48
N TYR B 58 21.93 9.13 -27.25
CA TYR B 58 20.73 9.91 -27.00
C TYR B 58 20.82 11.29 -27.63
N GLU B 59 22.00 11.92 -27.60
CA GLU B 59 22.14 13.22 -28.24
C GLU B 59 21.85 13.12 -29.73
N ASP B 60 22.32 12.06 -30.38
CA ASP B 60 22.05 11.93 -31.82
C ASP B 60 20.59 11.58 -32.09
N LEU B 61 20.00 10.70 -31.28
CA LEU B 61 18.59 10.42 -31.43
C LEU B 61 17.75 11.68 -31.26
N LEU B 62 18.09 12.50 -30.28
CA LEU B 62 17.24 13.64 -29.94
C LEU B 62 17.35 14.72 -31.00
N ILE B 63 18.54 14.91 -31.57
CA ILE B 63 18.71 15.97 -32.56
C ILE B 63 17.90 15.67 -33.80
N ARG B 64 17.56 14.39 -34.02
CA ARG B 64 16.72 13.99 -35.15
C ARG B 64 15.23 14.16 -34.86
N LYS B 65 14.84 14.61 -33.67
CA LYS B 65 13.44 14.76 -33.29
C LYS B 65 13.02 16.22 -33.26
N SER B 66 11.77 16.46 -33.65
CA SER B 66 11.12 17.75 -33.54
C SER B 66 9.92 17.64 -32.61
N ASN B 67 9.41 18.80 -32.20
CA ASN B 67 8.22 18.82 -31.36
C ASN B 67 7.11 17.96 -31.94
N HIS B 68 6.91 18.04 -33.27
CA HIS B 68 5.81 17.35 -33.94
C HIS B 68 5.97 15.83 -33.97
N ASN B 69 7.10 15.28 -33.52
CA ASN B 69 7.28 13.83 -33.43
C ASN B 69 6.79 13.25 -32.11
N PHE B 70 6.37 14.10 -31.17
CA PHE B 70 5.98 13.68 -29.83
C PHE B 70 4.47 13.76 -29.70
N LEU B 71 3.84 12.64 -29.33
CA LEU B 71 2.43 12.57 -29.05
C LEU B 71 2.25 12.48 -27.54
N VAL B 72 1.63 13.49 -26.95
CA VAL B 72 1.29 13.49 -25.53
C VAL B 72 -0.23 13.44 -25.41
N GLN B 73 -0.73 12.50 -24.62
CA GLN B 73 -2.17 12.37 -24.47
C GLN B 73 -2.54 12.23 -23.00
N ALA B 74 -3.58 12.94 -22.62
CA ALA B 74 -4.21 12.79 -21.31
C ALA B 74 -5.52 12.08 -21.61
N GLY B 75 -5.56 10.79 -21.35
CA GLY B 75 -6.63 9.99 -21.92
C GLY B 75 -6.56 10.04 -23.44
N ASN B 76 -7.68 10.38 -24.08
CA ASN B 76 -7.74 10.48 -25.53
C ASN B 76 -7.50 11.91 -26.02
N VAL B 77 -7.15 12.82 -25.12
CA VAL B 77 -6.99 14.23 -25.44
C VAL B 77 -5.51 14.50 -25.70
N GLN B 78 -5.19 15.00 -26.89
CA GLN B 78 -3.83 15.35 -27.25
C GLN B 78 -3.42 16.69 -26.66
N LEU B 79 -2.22 16.74 -26.07
CA LEU B 79 -1.58 17.97 -25.64
C LEU B 79 -0.46 18.26 -26.62
N ARG B 80 -0.57 19.34 -27.37
CA ARG B 80 0.44 19.65 -28.38
C ARG B 80 1.76 20.04 -27.70
N VAL B 81 2.84 19.46 -28.20
CA VAL B 81 4.19 19.76 -27.71
C VAL B 81 4.71 21.00 -28.42
N ILE B 82 5.17 21.98 -27.63
CA ILE B 82 5.71 23.23 -28.15
C ILE B 82 7.17 23.45 -27.78
N GLY B 83 7.80 22.49 -27.11
CA GLY B 83 9.23 22.54 -26.89
C GLY B 83 9.71 21.25 -26.29
N HIS B 84 11.00 21.00 -26.41
CA HIS B 84 11.55 19.77 -25.83
C HIS B 84 13.00 19.99 -25.42
N SER B 85 13.38 19.33 -24.32
CA SER B 85 14.78 19.33 -23.94
C SER B 85 15.04 18.07 -23.12
N MET B 86 16.30 17.71 -23.04
CA MET B 86 16.75 16.57 -22.28
C MET B 86 17.52 17.04 -21.07
N GLN B 87 17.18 16.52 -19.89
CA GLN B 87 17.89 16.83 -18.64
C GLN B 87 18.30 15.48 -18.06
N ASN B 88 19.59 15.16 -18.13
CA ASN B 88 20.08 13.84 -17.71
C ASN B 88 19.28 12.78 -18.44
N CYS B 89 18.60 11.89 -17.75
CA CYS B 89 17.88 10.81 -18.40
C CYS B 89 16.37 11.08 -18.54
N VAL B 90 15.93 12.31 -18.33
CA VAL B 90 14.53 12.67 -18.51
CA VAL B 90 14.54 12.71 -18.48
C VAL B 90 14.39 13.62 -19.69
N LEU B 91 13.29 13.46 -20.38
CA LEU B 91 12.85 14.38 -21.41
C LEU B 91 11.81 15.30 -20.80
N LYS B 92 11.93 16.59 -21.08
CA LYS B 92 10.95 17.59 -20.66
C LYS B 92 10.28 18.13 -21.90
N LEU B 93 8.97 17.92 -21.99
CA LEU B 93 8.18 18.38 -23.13
C LEU B 93 7.31 19.52 -22.66
N LYS B 94 7.54 20.70 -23.23
CA LYS B 94 6.64 21.80 -22.95
C LYS B 94 5.39 21.62 -23.80
N VAL B 95 4.23 21.79 -23.18
CA VAL B 95 2.97 21.57 -23.86
C VAL B 95 2.15 22.84 -23.81
N ASP B 96 1.13 22.87 -24.66
CA ASP B 96 0.30 24.10 -24.83
C ASP B 96 -0.74 24.30 -23.72
N THR B 97 -0.86 23.36 -22.79
CA THR B 97 -1.92 23.43 -21.79
C THR B 97 -1.30 23.24 -20.41
N ALA B 98 -1.59 24.14 -19.49
CA ALA B 98 -1.23 23.95 -18.09
C ALA B 98 -2.21 22.99 -17.45
N ASN B 99 -1.70 22.01 -16.74
CA ASN B 99 -2.59 21.02 -16.14
C ASN B 99 -3.41 21.64 -15.02
N PRO B 100 -4.74 21.74 -15.16
CA PRO B 100 -5.54 22.35 -14.09
C PRO B 100 -5.53 21.59 -12.79
N LYS B 101 -5.11 20.32 -12.83
CA LYS B 101 -5.04 19.48 -11.63
C LYS B 101 -3.66 19.46 -11.00
N THR B 102 -2.75 20.33 -11.42
CA THR B 102 -1.41 20.35 -10.85
C THR B 102 -1.49 20.59 -9.36
N PRO B 103 -0.98 19.69 -8.53
CA PRO B 103 -0.96 19.93 -7.10
C PRO B 103 0.22 20.82 -6.74
N LYS B 104 0.26 21.25 -5.47
CA LYS B 104 1.51 21.79 -4.94
C LYS B 104 2.52 20.63 -4.96
N TYR B 105 3.73 20.89 -5.45
CA TYR B 105 4.69 19.79 -5.60
C TYR B 105 6.11 20.29 -5.45
N LYS B 106 6.99 19.32 -5.22
CA LYS B 106 8.42 19.51 -5.18
C LYS B 106 9.04 18.28 -5.81
N PHE B 107 10.26 18.43 -6.29
CA PHE B 107 11.08 17.30 -6.74
C PHE B 107 12.15 17.09 -5.67
N VAL B 108 12.22 15.87 -5.13
CA VAL B 108 13.19 15.53 -4.08
C VAL B 108 13.96 14.30 -4.51
N ARG B 109 15.24 14.27 -4.15
CA ARG B 109 16.07 13.10 -4.35
C ARG B 109 16.18 12.41 -2.99
N ILE B 110 15.65 11.22 -2.89
CA ILE B 110 15.61 10.51 -1.61
C ILE B 110 16.91 9.75 -1.35
N GLN B 111 17.06 9.32 -0.15
CA GLN B 111 18.17 8.49 0.27
C GLN B 111 17.74 7.03 0.34
N PRO B 112 18.65 6.09 0.12
CA PRO B 112 18.30 4.69 0.29
C PRO B 112 17.77 4.46 1.69
N GLY B 113 16.82 3.55 1.78
CA GLY B 113 16.10 3.29 3.00
C GLY B 113 14.79 4.03 3.06
N GLN B 114 14.67 5.14 2.34
CA GLN B 114 13.42 5.88 2.38
C GLN B 114 12.33 5.15 1.61
N THR B 115 11.11 5.33 2.07
CA THR B 115 9.95 4.71 1.43
C THR B 115 9.18 5.76 0.65
N PHE B 116 8.41 5.27 -0.30
CA PHE B 116 7.62 6.14 -1.14
C PHE B 116 6.54 5.30 -1.80
N SER B 117 5.48 5.98 -2.24
CA SER B 117 4.41 5.31 -2.94
C SER B 117 4.66 5.33 -4.44
N VAL B 118 4.30 4.25 -5.12
CA VAL B 118 4.37 4.19 -6.57
C VAL B 118 2.98 4.04 -7.10
N LEU B 119 2.64 4.86 -8.06
CA LEU B 119 1.42 4.73 -8.83
C LEU B 119 1.79 4.02 -10.13
N ALA B 120 1.59 2.71 -10.16
CA ALA B 120 1.92 1.93 -11.33
C ALA B 120 0.91 2.24 -12.42
N CYS B 121 1.41 2.64 -13.59
CA CYS B 121 0.58 3.16 -14.68
C CYS B 121 0.95 2.49 -15.99
N TYR B 122 -0.06 2.25 -16.82
CA TYR B 122 0.15 1.71 -18.16
C TYR B 122 -0.66 2.56 -19.13
N ASN B 123 -0.02 3.04 -20.19
CA ASN B 123 -0.71 3.84 -21.19
C ASN B 123 -1.35 5.09 -20.56
N GLY B 124 -0.67 5.65 -19.56
CA GLY B 124 -1.14 6.83 -18.88
C GLY B 124 -2.29 6.60 -17.94
N SER B 125 -2.71 5.34 -17.73
CA SER B 125 -3.86 4.99 -16.90
C SER B 125 -3.38 4.31 -15.63
N PRO B 126 -3.69 4.86 -14.46
CA PRO B 126 -3.25 4.23 -13.21
C PRO B 126 -3.85 2.85 -13.02
N SER B 127 -3.02 1.92 -12.56
CA SER B 127 -3.42 0.54 -12.32
C SER B 127 -3.46 0.18 -10.84
N GLY B 128 -2.47 0.61 -10.07
CA GLY B 128 -2.37 0.22 -8.68
C GLY B 128 -1.42 1.13 -7.95
N VAL B 129 -1.50 1.09 -6.62
CA VAL B 129 -0.64 1.91 -5.78
CA VAL B 129 -0.67 1.91 -5.75
C VAL B 129 -0.07 1.03 -4.67
N TYR B 130 1.21 1.24 -4.38
CA TYR B 130 1.86 0.46 -3.34
C TYR B 130 3.07 1.21 -2.84
N GLN B 131 3.51 0.82 -1.65
CA GLN B 131 4.63 1.44 -0.98
C GLN B 131 5.89 0.61 -1.23
N CYS B 132 7.00 1.30 -1.54
CA CYS B 132 8.29 0.70 -1.85
C CYS B 132 9.33 1.32 -0.94
N ALA B 133 10.36 0.54 -0.61
CA ALA B 133 11.56 1.07 0.01
C ALA B 133 12.67 1.06 -1.02
N MET B 134 13.41 2.15 -1.09
CA MET B 134 14.65 2.16 -1.87
CA MET B 134 14.64 2.12 -1.87
C MET B 134 15.67 1.32 -1.10
N ARG B 135 16.20 0.29 -1.75
CA ARG B 135 17.17 -0.55 -1.08
C ARG B 135 18.52 0.15 -1.01
N PRO B 136 19.41 -0.28 -0.12
CA PRO B 136 20.72 0.35 -0.03
C PRO B 136 21.54 0.28 -1.30
N ASN B 137 21.27 -0.68 -2.17
CA ASN B 137 21.95 -0.78 -3.46
C ASN B 137 21.22 0.00 -4.55
N PHE B 138 20.27 0.88 -4.18
CA PHE B 138 19.61 1.82 -5.10
C PHE B 138 18.71 1.11 -6.10
N THR B 139 18.15 0.00 -5.71
CA THR B 139 17.13 -0.69 -6.48
C THR B 139 15.83 -0.69 -5.70
N ILE B 140 14.73 -0.93 -6.40
CA ILE B 140 13.44 -1.09 -5.74
C ILE B 140 12.81 -2.38 -6.23
N LYS B 141 11.97 -2.94 -5.37
CA LYS B 141 11.31 -4.21 -5.62
C LYS B 141 9.89 -3.83 -6.01
N GLY B 142 9.70 -3.57 -7.29
CA GLY B 142 8.42 -3.11 -7.75
C GLY B 142 7.60 -4.21 -8.39
N SER B 143 6.32 -3.92 -8.57
CA SER B 143 5.50 -4.63 -9.54
C SER B 143 5.44 -3.71 -10.76
N PHE B 144 6.42 -3.86 -11.64
CA PHE B 144 6.54 -3.06 -12.87
C PHE B 144 6.55 -4.01 -14.07
N LEU B 145 5.47 -4.03 -14.84
CA LEU B 145 5.40 -4.81 -16.07
C LEU B 145 5.80 -3.93 -17.26
N ASN B 146 5.75 -4.49 -18.47
CA ASN B 146 6.10 -3.69 -19.63
C ASN B 146 5.09 -2.57 -19.80
N GLY B 147 5.60 -1.41 -20.22
CA GLY B 147 4.78 -0.23 -20.37
C GLY B 147 4.66 0.60 -19.12
N SER B 148 5.29 0.17 -18.01
CA SER B 148 5.23 0.88 -16.74
C SER B 148 6.24 2.01 -16.62
N CYS B 149 7.14 2.17 -17.59
CA CYS B 149 8.11 3.24 -17.47
C CYS B 149 7.42 4.60 -17.43
N GLY B 150 8.05 5.51 -16.71
CA GLY B 150 7.47 6.81 -16.48
C GLY B 150 6.51 6.87 -15.31
N SER B 151 6.11 5.71 -14.75
CA SER B 151 5.40 5.71 -13.49
C SER B 151 6.29 6.37 -12.45
N VAL B 152 5.67 7.05 -11.50
CA VAL B 152 6.41 7.83 -10.53
C VAL B 152 6.16 7.37 -9.10
N GLY B 153 7.16 7.69 -8.28
CA GLY B 153 7.13 7.48 -6.85
C GLY B 153 7.05 8.82 -6.15
N PHE B 154 6.35 8.84 -5.01
CA PHE B 154 6.05 10.09 -4.36
C PHE B 154 5.75 9.89 -2.88
N ASN B 155 5.85 10.99 -2.14
CA ASN B 155 5.32 11.10 -0.79
C ASN B 155 4.47 12.34 -0.73
N ILE B 156 3.55 12.40 0.23
CA ILE B 156 2.66 13.54 0.35
C ILE B 156 2.79 14.08 1.76
N ASP B 157 3.16 15.36 1.88
CA ASP B 157 3.38 16.02 3.17
C ASP B 157 2.53 17.30 3.20
N TYR B 158 1.56 17.34 4.10
CA TYR B 158 0.54 18.37 4.08
C TYR B 158 -0.31 18.18 2.84
N ASP B 159 -0.31 19.17 1.94
CA ASP B 159 -0.98 19.06 0.65
C ASP B 159 0.02 19.05 -0.49
N CYS B 160 1.30 18.86 -0.21
CA CYS B 160 2.35 18.99 -1.19
C CYS B 160 2.87 17.61 -1.58
N VAL B 161 2.88 17.34 -2.88
CA VAL B 161 3.40 16.07 -3.41
C VAL B 161 4.89 16.21 -3.67
N SER B 162 5.69 15.37 -3.00
CA SER B 162 7.13 15.30 -3.26
C SER B 162 7.39 14.13 -4.17
N PHE B 163 7.71 14.42 -5.42
CA PHE B 163 8.03 13.39 -6.41
C PHE B 163 9.50 13.00 -6.30
N CYS B 164 9.76 11.70 -6.16
CA CYS B 164 11.12 11.25 -5.91
C CYS B 164 11.64 10.20 -6.86
N TYR B 165 10.80 9.57 -7.66
CA TYR B 165 11.24 8.45 -8.49
C TYR B 165 10.46 8.44 -9.78
N MET B 166 11.16 8.10 -10.87
CA MET B 166 10.53 7.81 -12.14
C MET B 166 11.13 6.52 -12.67
N HIS B 167 10.27 5.62 -13.12
CA HIS B 167 10.71 4.27 -13.44
C HIS B 167 11.32 4.18 -14.84
N HIS B 168 12.48 3.51 -14.94
CA HIS B 168 13.14 3.30 -16.24
C HIS B 168 13.41 1.85 -16.63
N MET B 169 13.73 0.95 -15.71
CA MET B 169 14.31 -0.30 -16.20
C MET B 169 14.21 -1.42 -15.17
N GLU B 170 14.40 -2.64 -15.68
CA GLU B 170 14.47 -3.84 -14.87
C GLU B 170 15.87 -4.44 -15.01
N LEU B 171 16.41 -4.89 -13.90
CA LEU B 171 17.74 -5.49 -13.89
C LEU B 171 17.62 -6.99 -14.05
N PRO B 172 18.72 -7.66 -14.40
CA PRO B 172 18.64 -9.12 -14.63
C PRO B 172 18.07 -9.88 -13.45
N THR B 173 18.30 -9.40 -12.23
CA THR B 173 17.78 -10.02 -11.02
C THR B 173 16.29 -9.80 -10.79
N GLY B 174 15.61 -9.01 -11.60
CA GLY B 174 14.19 -8.79 -11.43
C GLY B 174 13.82 -7.56 -10.62
N VAL B 175 14.80 -6.91 -9.99
CA VAL B 175 14.57 -5.66 -9.30
C VAL B 175 14.61 -4.51 -10.32
N HIS B 176 14.35 -3.29 -9.86
CA HIS B 176 14.07 -2.18 -10.74
C HIS B 176 14.95 -1.00 -10.41
N ALA B 177 15.16 -0.16 -11.42
CA ALA B 177 15.99 1.02 -11.31
C ALA B 177 15.36 2.19 -12.04
N GLY B 178 15.69 3.39 -11.58
CA GLY B 178 15.08 4.59 -12.11
C GLY B 178 15.80 5.82 -11.63
N THR B 179 15.19 6.97 -11.91
CA THR B 179 15.83 8.25 -11.66
C THR B 179 14.96 9.09 -10.72
N ASP B 180 15.55 10.18 -10.26
CA ASP B 180 14.78 11.27 -9.69
C ASP B 180 14.14 12.07 -10.83
N LEU B 181 13.36 13.11 -10.51
CA LEU B 181 12.65 13.84 -11.55
C LEU B 181 13.53 14.86 -12.24
N GLU B 182 14.79 15.02 -11.80
CA GLU B 182 15.83 15.68 -12.58
C GLU B 182 16.58 14.75 -13.53
N GLY B 183 16.20 13.49 -13.60
CA GLY B 183 16.76 12.55 -14.54
C GLY B 183 18.03 11.88 -14.11
N ASN B 184 18.44 12.03 -12.86
CA ASN B 184 19.66 11.37 -12.40
C ASN B 184 19.32 10.02 -11.80
N PHE B 185 19.94 8.96 -12.31
CA PHE B 185 19.70 7.63 -11.76
C PHE B 185 20.04 7.57 -10.28
N TYR B 186 19.26 6.75 -9.57
CA TYR B 186 19.66 6.24 -8.28
C TYR B 186 20.54 5.04 -8.55
N GLY B 187 21.76 5.07 -8.02
CA GLY B 187 22.69 3.98 -8.18
C GLY B 187 23.50 4.07 -9.45
N PRO B 188 24.26 3.01 -9.71
CA PRO B 188 25.28 3.06 -10.77
C PRO B 188 24.76 2.49 -12.07
N PHE B 189 23.53 2.87 -12.43
CA PHE B 189 22.84 2.32 -13.59
C PHE B 189 22.77 3.34 -14.70
N VAL B 190 22.66 2.81 -15.92
CA VAL B 190 22.50 3.62 -17.12
C VAL B 190 21.28 3.12 -17.87
N ASP B 191 20.64 4.02 -18.61
CA ASP B 191 19.47 3.66 -19.40
C ASP B 191 19.88 3.12 -20.77
N ARG B 192 20.46 1.92 -20.71
CA ARG B 192 20.88 1.14 -21.87
C ARG B 192 20.45 -0.29 -21.59
N GLN B 193 19.94 -0.98 -22.62
CA GLN B 193 19.54 -2.37 -22.47
C GLN B 193 20.76 -3.29 -22.53
N THR B 194 21.52 -3.23 -21.46
CA THR B 194 22.74 -3.99 -21.28
C THR B 194 22.65 -4.63 -19.91
N ALA B 195 23.34 -5.75 -19.74
CA ALA B 195 23.33 -6.43 -18.44
C ALA B 195 24.08 -5.56 -17.43
N GLN B 196 23.39 -5.19 -16.37
CA GLN B 196 23.98 -4.40 -15.31
C GLN B 196 23.64 -5.07 -13.99
N ALA B 197 24.58 -5.05 -13.08
CA ALA B 197 24.42 -5.70 -11.80
C ALA B 197 24.33 -4.64 -10.72
N ALA B 198 23.40 -4.85 -9.80
CA ALA B 198 23.39 -4.04 -8.59
C ALA B 198 24.41 -4.56 -7.59
N GLY B 199 24.81 -3.67 -6.69
CA GLY B 199 25.62 -4.06 -5.57
C GLY B 199 24.90 -5.06 -4.70
N THR B 200 25.65 -5.72 -3.84
CA THR B 200 25.02 -6.62 -2.90
C THR B 200 24.05 -5.82 -2.04
N ASP B 201 22.84 -6.33 -1.88
CA ASP B 201 21.92 -5.60 -1.04
C ASP B 201 22.21 -5.89 0.42
N THR B 202 21.83 -4.94 1.26
CA THR B 202 22.01 -5.04 2.69
C THR B 202 20.72 -4.64 3.37
N THR B 203 20.67 -4.90 4.67
CA THR B 203 19.52 -4.57 5.49
C THR B 203 19.56 -3.08 5.84
N ILE B 204 18.39 -2.43 5.79
CA ILE B 204 18.28 -1.01 6.08
C ILE B 204 18.29 -0.78 7.59
N THR B 205 19.48 -0.54 8.14
CA THR B 205 19.68 -0.43 9.57
C THR B 205 18.77 0.61 10.20
N VAL B 206 18.67 1.80 9.58
CA VAL B 206 17.89 2.87 10.21
C VAL B 206 16.45 2.44 10.39
N ASN B 207 15.94 1.65 9.47
CA ASN B 207 14.56 1.21 9.53
C ASN B 207 14.38 0.08 10.56
N VAL B 208 15.39 -0.77 10.71
CA VAL B 208 15.35 -1.75 11.80
C VAL B 208 15.36 -1.02 13.14
N LEU B 209 16.14 0.04 13.24
CA LEU B 209 16.12 0.81 14.50
C LEU B 209 14.76 1.43 14.73
N ALA B 210 14.14 1.97 13.67
CA ALA B 210 12.79 2.54 13.82
C ALA B 210 11.84 1.47 14.31
N TRP B 211 11.97 0.25 13.80
CA TRP B 211 11.12 -0.86 14.21
C TRP B 211 11.33 -1.20 15.68
N LEU B 212 12.58 -1.17 16.16
CA LEU B 212 12.83 -1.41 17.58
C LEU B 212 12.20 -0.31 18.42
N TYR B 213 12.32 0.96 17.99
CA TYR B 213 11.64 2.03 18.71
C TYR B 213 10.13 1.81 18.74
N ALA B 214 9.55 1.37 17.62
CA ALA B 214 8.13 1.08 17.59
C ALA B 214 7.78 -0.01 18.60
N ALA B 215 8.63 -1.02 18.73
CA ALA B 215 8.39 -2.06 19.73
C ALA B 215 8.38 -1.45 21.12
N VAL B 216 9.34 -0.59 21.43
CA VAL B 216 9.38 0.04 22.75
C VAL B 216 8.12 0.86 22.98
N ILE B 217 7.68 1.60 21.98
CA ILE B 217 6.45 2.40 22.10
C ILE B 217 5.27 1.51 22.47
N ASN B 218 5.24 0.31 21.93
CA ASN B 218 4.17 -0.65 22.20
CA ASN B 218 4.20 -0.68 22.17
C ASN B 218 4.41 -1.49 23.44
N GLY B 219 5.43 -1.16 24.24
CA GLY B 219 5.67 -1.84 25.51
C GLY B 219 6.51 -3.10 25.45
N ASP B 220 7.15 -3.38 24.31
CA ASP B 220 7.92 -4.59 24.10
C ASP B 220 9.37 -4.14 24.15
N ARG B 221 10.04 -4.34 25.29
CA ARG B 221 11.37 -3.76 25.49
C ARG B 221 12.41 -4.71 26.13
N TRP B 222 12.20 -6.02 26.05
CA TRP B 222 13.15 -6.97 26.63
C TRP B 222 14.56 -6.84 26.07
N PHE B 223 14.71 -6.34 24.83
CA PHE B 223 15.99 -6.30 24.15
C PHE B 223 16.82 -5.05 24.46
N LEU B 224 16.35 -4.13 25.29
CA LEU B 224 17.12 -2.92 25.54
C LEU B 224 18.41 -3.20 26.34
N ASN B 225 19.56 -2.74 25.81
CA ASN B 225 20.87 -2.84 26.46
C ASN B 225 21.00 -1.75 27.51
N ARG B 226 21.64 -2.08 28.64
CA ARG B 226 22.02 -1.04 29.58
C ARG B 226 23.05 -0.10 28.98
N PHE B 227 23.79 -0.54 27.97
CA PHE B 227 24.96 0.20 27.54
C PHE B 227 24.79 0.78 26.15
N THR B 228 25.75 1.62 25.80
CA THR B 228 25.76 2.36 24.56
C THR B 228 27.02 1.99 23.76
N THR B 229 27.05 2.37 22.49
CA THR B 229 28.21 2.14 21.64
C THR B 229 28.51 3.42 20.88
N THR B 230 29.59 3.42 20.11
CA THR B 230 29.84 4.50 19.17
C THR B 230 29.29 4.15 17.79
N LEU B 231 29.07 5.19 17.01
CA LEU B 231 28.58 4.95 15.65
C LEU B 231 29.59 4.16 14.84
N ASN B 232 30.88 4.45 14.99
CA ASN B 232 31.90 3.72 14.26
C ASN B 232 31.93 2.25 14.67
N ASP B 233 31.93 1.99 15.99
CA ASP B 233 31.95 0.60 16.41
C ASP B 233 30.73 -0.13 15.89
N PHE B 234 29.56 0.49 16.00
CA PHE B 234 28.36 -0.14 15.46
C PHE B 234 28.49 -0.43 13.97
N ASN B 235 28.95 0.56 13.20
CA ASN B 235 29.03 0.39 11.75
C ASN B 235 29.96 -0.74 11.36
N LEU B 236 31.11 -0.83 12.03
CA LEU B 236 32.06 -1.88 11.67
C LEU B 236 31.49 -3.26 12.00
N VAL B 237 30.78 -3.38 13.11
CA VAL B 237 30.10 -4.64 13.43
C VAL B 237 28.95 -4.90 12.46
N ALA B 238 28.09 -3.90 12.24
CA ALA B 238 26.90 -4.13 11.43
C ALA B 238 27.23 -4.64 10.03
N MET B 239 28.31 -4.11 9.43
CA MET B 239 28.67 -4.55 8.09
C MET B 239 28.97 -6.03 8.03
N LYS B 240 29.45 -6.62 9.13
CA LYS B 240 29.70 -8.06 9.16
C LYS B 240 28.42 -8.89 9.13
N TYR B 241 27.27 -8.27 9.41
CA TYR B 241 25.98 -8.93 9.35
C TYR B 241 25.17 -8.48 8.15
N ASN B 242 25.82 -7.83 7.18
CA ASN B 242 25.19 -7.37 5.95
C ASN B 242 24.15 -6.32 6.23
N TYR B 243 24.42 -5.47 7.21
CA TYR B 243 23.60 -4.31 7.52
C TYR B 243 24.27 -3.05 6.97
N GLU B 244 23.46 -2.11 6.50
CA GLU B 244 23.96 -0.85 6.00
C GLU B 244 24.62 -0.04 7.11
N PRO B 245 25.75 0.61 6.85
CA PRO B 245 26.29 1.53 7.85
C PRO B 245 25.39 2.74 8.02
N LEU B 246 25.29 3.18 9.26
CA LEU B 246 24.54 4.37 9.57
C LEU B 246 25.30 5.63 9.17
N THR B 247 24.53 6.66 8.83
CA THR B 247 25.02 7.98 8.53
C THR B 247 24.50 8.96 9.57
N GLN B 248 25.03 10.16 9.57
CA GLN B 248 24.52 11.17 10.49
C GLN B 248 23.07 11.51 10.19
N ASP B 249 22.69 11.53 8.91
CA ASP B 249 21.29 11.78 8.59
C ASP B 249 20.38 10.72 9.20
N HIS B 250 20.83 9.46 9.24
CA HIS B 250 20.04 8.40 9.88
C HIS B 250 19.85 8.67 11.36
N VAL B 251 20.93 9.03 12.05
CA VAL B 251 20.82 9.39 13.46
C VAL B 251 19.81 10.52 13.61
N ASP B 252 19.86 11.50 12.73
CA ASP B 252 18.98 12.68 12.83
C ASP B 252 17.51 12.30 12.63
N ILE B 253 17.20 11.44 11.65
CA ILE B 253 15.79 11.11 11.40
C ILE B 253 15.21 10.20 12.48
N LEU B 254 16.05 9.55 13.27
CA LEU B 254 15.62 8.81 14.47
C LEU B 254 15.36 9.72 15.66
N GLY B 255 15.65 11.02 15.56
CA GLY B 255 15.51 11.93 16.67
C GLY B 255 14.14 11.90 17.31
N PRO B 256 13.07 12.02 16.53
CA PRO B 256 11.73 12.04 17.15
C PRO B 256 11.41 10.77 17.92
N LEU B 257 11.76 9.59 17.38
CA LEU B 257 11.52 8.35 18.11
C LEU B 257 12.39 8.26 19.35
N SER B 258 13.63 8.74 19.28
CA SER B 258 14.49 8.77 20.45
C SER B 258 13.91 9.68 21.52
N ALA B 259 13.33 10.81 21.11
CA ALA B 259 12.73 11.72 22.07
C ALA B 259 11.45 11.11 22.66
N GLN B 260 10.67 10.43 21.82
CA GLN B 260 9.41 9.84 22.26
C GLN B 260 9.64 8.76 23.31
N THR B 261 10.73 8.02 23.21
CA THR B 261 11.01 6.91 24.12
C THR B 261 12.02 7.25 25.20
N GLY B 262 12.76 8.35 25.05
CA GLY B 262 13.84 8.60 25.97
C GLY B 262 15.05 7.72 25.81
N ILE B 263 15.17 7.04 24.66
CA ILE B 263 16.26 6.10 24.45
C ILE B 263 17.18 6.69 23.38
N ALA B 264 18.42 6.96 23.77
CA ALA B 264 19.39 7.55 22.85
C ALA B 264 19.61 6.62 21.67
N VAL B 265 19.82 7.23 20.50
CA VAL B 265 20.04 6.44 19.29
C VAL B 265 21.18 5.44 19.50
N LEU B 266 22.29 5.89 20.10
CA LEU B 266 23.42 4.99 20.26
C LEU B 266 23.14 3.90 21.28
N ASP B 267 22.19 4.13 22.20
CA ASP B 267 21.79 3.05 23.08
C ASP B 267 20.98 2.00 22.31
N MET B 268 20.09 2.44 21.42
CA MET B 268 19.36 1.48 20.59
C MET B 268 20.32 0.74 19.64
N CYS B 269 21.34 1.43 19.14
CA CYS B 269 22.36 0.75 18.33
C CYS B 269 23.03 -0.36 19.11
N ALA B 270 23.35 -0.12 20.37
CA ALA B 270 23.97 -1.18 21.17
C ALA B 270 23.00 -2.33 21.41
N SER B 271 21.70 -2.05 21.52
CA SER B 271 20.70 -3.11 21.62
C SER B 271 20.62 -3.93 20.34
N LEU B 272 20.61 -3.27 19.18
CA LEU B 272 20.61 -3.99 17.91
C LEU B 272 21.90 -4.79 17.74
N LYS B 273 23.04 -4.20 18.09
CA LYS B 273 24.31 -4.92 18.00
C LYS B 273 24.22 -6.23 18.78
N GLU B 274 23.68 -6.16 20.00
CA GLU B 274 23.55 -7.38 20.81
C GLU B 274 22.63 -8.39 20.16
N LEU B 275 21.53 -7.92 19.55
CA LEU B 275 20.63 -8.83 18.85
C LEU B 275 21.35 -9.50 17.68
N LEU B 276 22.15 -8.75 16.93
CA LEU B 276 22.88 -9.38 15.83
C LEU B 276 23.86 -10.42 16.36
N GLN B 277 24.61 -10.06 17.41
CA GLN B 277 25.69 -10.92 17.91
C GLN B 277 25.15 -12.14 18.65
N ASN B 278 24.04 -12.02 19.38
CA ASN B 278 23.52 -13.12 20.19
C ASN B 278 22.31 -13.80 19.60
N GLY B 279 21.61 -13.15 18.68
CA GLY B 279 20.38 -13.69 18.17
C GLY B 279 19.19 -13.35 19.06
N MET B 280 18.04 -13.79 18.60
CA MET B 280 16.79 -13.60 19.32
C MET B 280 16.63 -14.63 20.44
N ASN B 281 17.41 -15.70 20.43
CA ASN B 281 17.32 -16.77 21.42
C ASN B 281 15.86 -17.15 21.67
N GLY B 282 15.11 -17.32 20.58
CA GLY B 282 13.74 -17.80 20.66
C GLY B 282 12.69 -16.75 20.95
N ARG B 283 13.08 -15.54 21.34
CA ARG B 283 12.12 -14.49 21.64
C ARG B 283 11.64 -13.83 20.34
N THR B 284 10.57 -13.04 20.47
CA THR B 284 10.03 -12.27 19.36
C THR B 284 10.02 -10.79 19.73
N ILE B 285 9.87 -9.96 18.70
CA ILE B 285 9.71 -8.51 18.85
C ILE B 285 8.54 -8.10 17.97
N LEU B 286 7.56 -7.40 18.55
CA LEU B 286 6.34 -7.08 17.82
C LEU B 286 5.73 -8.33 17.18
N GLY B 287 5.87 -9.46 17.88
CA GLY B 287 5.25 -10.69 17.45
C GLY B 287 6.03 -11.47 16.42
N SER B 288 7.20 -10.98 16.02
CA SER B 288 7.94 -11.53 14.90
C SER B 288 9.32 -12.00 15.36
N ALA B 289 9.76 -13.15 14.85
CA ALA B 289 11.13 -13.58 15.05
C ALA B 289 12.11 -12.92 14.09
N LEU B 290 11.63 -12.19 13.10
CA LEU B 290 12.47 -11.47 12.15
C LEU B 290 12.41 -9.98 12.41
N LEU B 291 13.55 -9.31 12.28
CA LEU B 291 13.58 -7.86 12.30
C LEU B 291 13.17 -7.29 10.95
N GLU B 292 12.36 -6.25 10.99
CA GLU B 292 11.75 -5.65 9.81
C GLU B 292 12.50 -4.38 9.42
N ASP B 293 12.77 -4.21 8.10
CA ASP B 293 13.55 -3.06 7.64
C ASP B 293 12.83 -2.23 6.59
N GLU B 294 11.52 -2.39 6.42
CA GLU B 294 10.79 -1.67 5.38
C GLU B 294 9.98 -0.50 5.87
N PHE B 295 10.06 -0.17 7.16
CA PHE B 295 9.31 0.94 7.74
C PHE B 295 10.28 1.98 8.27
N THR B 296 10.16 3.19 7.75
CA THR B 296 11.03 4.27 8.15
C THR B 296 10.58 4.84 9.49
N PRO B 297 11.40 5.70 10.07
CA PRO B 297 10.95 6.44 11.26
C PRO B 297 9.63 7.18 11.02
N PHE B 298 9.46 7.79 9.84
CA PHE B 298 8.20 8.47 9.54
C PHE B 298 7.04 7.48 9.46
N ASP B 299 7.27 6.33 8.82
CA ASP B 299 6.24 5.30 8.71
C ASP B 299 5.79 4.82 10.08
N VAL B 300 6.74 4.64 11.00
CA VAL B 300 6.41 4.16 12.33
C VAL B 300 5.52 5.17 13.05
N VAL B 301 5.83 6.45 12.89
CA VAL B 301 5.03 7.47 13.56
C VAL B 301 3.64 7.56 12.93
N ARG B 302 3.57 7.48 11.60
CA ARG B 302 2.29 7.53 10.88
C ARG B 302 1.35 6.42 11.32
N GLN B 303 1.87 5.22 11.57
CA GLN B 303 1.04 4.08 11.93
C GLN B 303 0.88 3.88 13.44
N CYS B 304 1.79 4.41 14.27
CA CYS B 304 1.62 4.35 15.72
C CYS B 304 0.88 5.55 16.27
N SER B 305 0.69 6.59 15.48
CA SER B 305 0.14 7.85 15.98
C SER B 305 -0.78 8.44 14.93
C13 F8C C . -11.72 2.73 16.42
C14 F8C C . -10.65 1.94 15.68
C16 F8C C . -9.54 2.86 17.50
C17 F8C C . -10.92 3.54 17.47
C19 F8C C . -14.36 5.37 15.12
O22 F8C C . -13.91 0.56 20.93
N28 F8C C . -8.15 -1.34 22.60
C29 F8C C . -6.83 -1.69 23.04
C30 F8C C . -5.95 -2.89 22.51
C31 F8C C . -6.39 -4.29 23.05
C32 F8C C . -5.87 -2.92 20.96
C34 F8C C . -8.97 -0.16 23.12
C35 F8C C . -10.48 -0.53 23.33
C02 F8C C . -14.51 0.98 19.74
C04 F8C C . -16.23 2.40 18.50
C05 F8C C . -17.62 3.11 18.79
C06 F8C C . -18.72 2.11 19.27
C07 F8C C . -18.93 0.96 18.25
C08 F8C C . -20.07 2.81 19.58
C09 F8C C . -15.25 3.50 17.94
C11 F8C C . -13.65 4.45 16.18
C12 F8C C . -12.45 3.72 15.47
C23 F8C C . -13.09 -0.62 20.97
C24 F8C C . -12.74 -1.16 22.40
C25 F8C C . -11.18 -1.11 22.11
C26 F8C C . -10.39 -2.36 21.72
C27 F8C C . -8.85 -2.05 21.48
C36 F8C C . -11.56 -0.27 20.84
N03 F8C C . -15.72 1.73 19.72
N10 F8C C . -14.61 3.45 16.67
N15 F8C C . -9.39 2.02 16.29
O01 F8C C . -13.92 0.70 18.66
O18 F8C C . -10.80 1.26 14.66
O20 F8C C . -13.33 6.25 14.60
O21 F8C C . -14.95 4.44 18.72
O33 F8C C . -6.31 -1.01 23.97
C02 F5L D . -14.44 0.83 19.71
C04 F5L D . -16.11 2.26 18.43
C05 F5L D . -17.43 3.06 18.74
C06 F5L D . -18.56 2.16 19.34
C07 F5L D . -18.90 0.98 18.42
C08 F5L D . -19.83 2.97 19.70
C09 F5L D . -15.03 3.29 17.91
C11 F5L D . -13.64 4.46 16.10
C12 F5L D . -12.47 3.63 15.47
C13 F5L D . -11.79 2.68 16.49
C14 F5L D . -10.68 1.87 15.82
C16 F5L D . -9.71 2.77 17.73
C17 F5L D . -11.03 3.51 17.54
C19 F5L D . -14.24 5.41 14.99
C23 F5L D . -13.03 -0.66 21.04
C24 F5L D . -12.76 -1.19 22.51
C25 F5L D . -11.20 -1.18 22.28
C26 F5L D . -10.41 -2.44 21.92
C27 F5L D . -8.87 -2.13 21.70
C29 F5L D . -6.86 -1.77 23.29
C30 F5L D . -5.98 -2.96 22.73
C31 F5L D . -6.41 -4.37 23.24
C32 F5L D . -5.89 -2.97 21.18
C34 F5L D . -9.02 -0.25 23.35
C35 F5L D . -10.53 -0.60 23.52
C36 F5L D . -11.50 -0.33 20.98
N03 F5L D . -15.69 1.51 19.64
N10 F5L D . -14.72 3.54 16.56
N15 F5L D . -9.48 1.90 16.54
N28 F5L D . -8.18 -1.41 22.83
O01 F5L D . -13.82 0.51 18.68
O18 F5L D . -10.77 1.19 14.79
O20 F5L D . -15.19 6.26 15.70
O21 F5L D . -14.34 3.87 18.79
O22 F5L D . -13.84 0.51 20.93
O33 F5L D . -6.36 -1.11 24.21
C13 F8C E . 10.83 -2.64 -18.01
C14 F8C E . 10.65 -3.18 -16.60
C16 F8C E . 10.21 -4.99 -18.01
C17 F8C E . 10.17 -3.73 -18.88
C19 F8C E . 9.73 0.78 -19.71
O22 F8C E . 15.53 -4.17 -20.19
N28 F8C E . 15.33 -10.47 -18.40
C34 F8C E . 14.77 -9.79 -19.63
C35 F8C E . 15.62 -8.54 -20.04
C02 F8C E . 15.17 -2.86 -19.85
C04 F8C E . 14.40 -0.53 -20.59
C05 F8C E . 14.74 0.51 -21.73
C06 F8C E . 16.27 0.88 -21.80
C07 F8C E . 16.87 1.06 -20.38
C08 F8C E . 16.54 2.13 -22.67
C09 F8C E . 12.85 -0.78 -20.59
C11 F8C E . 10.49 -0.60 -19.59
C12 F8C E . 10.10 -1.28 -18.23
C23 F8C E . 15.76 -5.13 -19.14
C24 F8C E . 16.71 -6.34 -19.52
C25 F8C E . 15.63 -7.40 -19.01
C26 F8C E . 15.71 -8.01 -17.61
C27 F8C E . 16.18 -9.53 -17.61
C36 F8C E . 14.61 -6.20 -19.05
N03 F8C E . 15.20 -1.78 -20.79
N10 F8C E . 11.95 -0.32 -19.60
N15 F8C E . 10.28 -4.56 -16.58
O01 F8C E . 14.79 -2.66 -18.67
O18 F8C E . 10.79 -2.56 -15.54
O20 F8C E . 8.32 0.47 -19.59
O21 F8C E . 12.37 -1.49 -21.52
C02 F5L F . 14.90 -3.10 -19.76
C04 F5L F . 14.36 -0.68 -20.37
C05 F5L F . 14.68 0.35 -21.53
C06 F5L F . 16.20 0.74 -21.62
C07 F5L F . 16.82 0.94 -20.21
C08 F5L F . 16.45 1.99 -22.49
C09 F5L F . 12.81 -0.93 -20.35
C11 F5L F . 10.43 -0.65 -19.42
C12 F5L F . 10.01 -1.25 -18.03
C13 F5L F . 10.67 -2.63 -17.75
C14 F5L F . 10.21 -3.23 -16.41
C16 F5L F . 10.13 -4.97 -17.95
C17 F5L F . 10.15 -3.68 -18.76
C19 F5L F . 9.68 0.73 -19.65
C23 F5L F . 15.73 -5.25 -19.04
C24 F5L F . 16.70 -6.44 -19.42
C25 F5L F . 15.69 -7.53 -18.83
C26 F5L F . 15.88 -8.10 -17.42
C27 F5L F . 16.19 -9.65 -17.41
C34 F5L F . 14.73 -9.88 -19.41
C35 F5L F . 15.64 -8.68 -19.83
C36 F5L F . 14.63 -6.36 -18.82
N03 F5L F . 15.14 -1.93 -20.55
N10 F5L F . 11.89 -0.36 -19.44
N15 F5L F . 9.88 -4.59 -16.52
N28 F5L F . 15.20 -10.52 -18.12
O01 F5L F . 14.21 -3.03 -18.72
O18 F5L F . 10.13 -2.66 -15.32
O20 F5L F . 10.12 1.17 -20.97
O21 F5L F . 12.36 -1.80 -21.14
O22 F5L F . 15.38 -4.36 -20.11
#